data_8XAN
#
_entry.id   8XAN
#
_cell.length_a   1.00
_cell.length_b   1.00
_cell.length_c   1.00
_cell.angle_alpha   90.00
_cell.angle_beta   90.00
_cell.angle_gamma   90.00
#
_symmetry.space_group_name_H-M   'P 1'
#
_entity_poly.entity_id   1
_entity_poly.type   'polypeptide(L)'
_entity_poly.pdbx_seq_one_letter_code
;MSDGSRHSMHQVLETVYGEVPATPAFKRIRHNSTTLATAINTLTSEELRPDRNSMGIRHGTRQVGGEIVSELSFESLDDT
LEALMCGTWNADALVNGVTRRSFSILRQFNDLTSASLPNFVYVGCEYNTMTLSITTEAIVMATFGIVGMNQLEPSSTVPT
GATFVEAPTTEPMDSFTGHVKEGLADIAVATELELQIENGIAPRYVIGSKKSIKQSIGRFKVSGTLTAYFEDATLVGKFL
REEASSLEFVVTDGLAGNSYKFELPKIKYTGGQPDVGGEGPITLSMPFVAEYDPTILGTLKITRIGA
;
_entity_poly.pdbx_strand_id   B,A,C
#
# COMPACT_ATOMS: atom_id res chain seq x y z
N SER A 2 -11.56 -21.18 21.88
CA SER A 2 -13.01 -20.80 21.79
C SER A 2 -13.37 -20.48 20.34
N ASP A 3 -14.66 -20.46 20.03
CA ASP A 3 -15.14 -20.15 18.64
C ASP A 3 -15.98 -18.88 18.67
N GLY A 4 -16.05 -18.16 17.55
CA GLY A 4 -16.86 -16.93 17.47
C GLY A 4 -18.34 -17.22 17.58
N SER A 5 -18.76 -18.45 17.29
CA SER A 5 -20.20 -18.81 17.32
C SER A 5 -20.79 -18.54 18.71
N ARG A 6 -20.15 -19.05 19.77
CA ARG A 6 -20.67 -18.88 21.14
C ARG A 6 -20.05 -17.62 21.76
N HIS A 7 -20.44 -16.44 21.28
CA HIS A 7 -19.91 -15.17 21.83
C HIS A 7 -21.04 -14.17 22.07
N SER A 8 -20.93 -13.38 23.13
CA SER A 8 -21.92 -12.37 23.46
C SER A 8 -21.26 -11.20 24.19
N MET A 9 -21.84 -10.00 24.01
CA MET A 9 -21.27 -8.78 24.65
C MET A 9 -22.38 -8.04 25.39
N HIS A 10 -22.07 -7.55 26.61
CA HIS A 10 -23.07 -6.77 27.40
C HIS A 10 -22.41 -5.47 27.89
N GLN A 11 -23.19 -4.39 27.96
CA GLN A 11 -22.61 -3.07 28.39
C GLN A 11 -23.51 -2.45 29.46
N VAL A 12 -22.91 -1.65 30.36
CA VAL A 12 -23.70 -0.95 31.42
C VAL A 12 -23.23 0.50 31.51
N LEU A 13 -24.16 1.46 31.63
CA LEU A 13 -23.78 2.89 31.77
C LEU A 13 -23.05 3.09 33.10
N GLU A 14 -21.88 3.75 33.07
CA GLU A 14 -21.11 3.99 34.27
C GLU A 14 -21.56 5.26 34.96
N THR A 15 -21.63 5.21 36.30
CA THR A 15 -21.92 6.42 37.07
C THR A 15 -20.64 7.15 37.45
N VAL A 16 -19.56 6.40 37.71
CA VAL A 16 -18.24 6.96 37.98
C VAL A 16 -17.30 6.43 36.91
N TYR A 17 -16.54 7.33 36.28
CA TYR A 17 -15.65 6.93 35.20
C TYR A 17 -14.63 5.92 35.66
N GLY A 18 -14.39 4.91 34.82
CA GLY A 18 -13.39 3.90 35.09
C GLY A 18 -13.77 2.83 36.08
N GLU A 19 -15.04 2.74 36.47
CA GLU A 19 -15.49 1.78 37.46
C GLU A 19 -16.81 1.16 37.02
N VAL A 20 -16.96 -0.13 37.28
CA VAL A 20 -18.24 -0.81 37.03
C VAL A 20 -19.23 -0.42 38.12
N PRO A 21 -20.50 -0.17 37.79
CA PRO A 21 -21.48 0.18 38.83
C PRO A 21 -21.65 -0.96 39.84
N ALA A 22 -22.34 -0.64 40.94
CA ALA A 22 -22.52 -1.61 42.02
C ALA A 22 -23.32 -2.82 41.55
N THR A 23 -24.45 -2.55 40.87
CA THR A 23 -25.24 -3.66 40.29
C THR A 23 -25.33 -3.42 38.78
N PRO A 24 -24.28 -3.74 37.99
CA PRO A 24 -24.28 -3.42 36.55
C PRO A 24 -25.45 -4.04 35.78
N ALA A 25 -26.23 -3.19 35.09
CA ALA A 25 -27.35 -3.70 34.26
C ALA A 25 -26.81 -3.98 32.86
N PHE A 26 -25.90 -4.95 32.73
CA PHE A 26 -25.28 -5.27 31.42
C PHE A 26 -26.39 -5.51 30.39
N LYS A 27 -26.31 -4.83 29.24
CA LYS A 27 -27.38 -4.96 28.20
C LYS A 27 -26.81 -5.66 26.96
N ARG A 28 -27.53 -6.64 26.42
CA ARG A 28 -27.04 -7.42 25.26
C ARG A 28 -26.82 -6.48 24.06
N ILE A 29 -25.68 -6.63 23.38
CA ILE A 29 -25.35 -5.76 22.21
C ILE A 29 -25.37 -6.62 20.95
N ARG A 30 -26.44 -6.51 20.15
CA ARG A 30 -26.51 -7.27 18.87
C ARG A 30 -25.36 -6.80 17.97
N HIS A 31 -24.49 -7.73 17.55
CA HIS A 31 -23.31 -7.34 16.73
C HIS A 31 -22.91 -8.49 15.79
N ASN A 32 -21.97 -8.23 14.88
CA ASN A 32 -21.51 -9.24 13.93
C ASN A 32 -20.09 -9.69 14.23
N SER A 33 -19.14 -8.76 14.27
CA SER A 33 -17.75 -9.06 14.58
C SER A 33 -17.19 -7.95 15.45
N THR A 34 -16.01 -8.19 16.02
CA THR A 34 -15.44 -7.25 16.97
C THR A 34 -13.93 -7.36 16.97
N THR A 35 -13.26 -6.28 17.38
CA THR A 35 -11.78 -6.28 17.49
C THR A 35 -11.39 -5.61 18.81
N LEU A 36 -12.33 -5.50 19.76
CA LEU A 36 -12.08 -4.81 21.04
C LEU A 36 -10.93 -5.49 21.78
N ALA A 37 -9.96 -4.71 22.29
CA ALA A 37 -8.82 -5.26 23.05
C ALA A 37 -8.05 -4.12 23.73
N THR A 38 -6.89 -4.41 24.32
CA THR A 38 -6.05 -3.38 24.97
C THR A 38 -4.66 -3.36 24.31
N ALA A 39 -3.99 -2.21 24.36
CA ALA A 39 -2.63 -2.08 23.78
C ALA A 39 -1.69 -1.42 24.78
N ILE A 40 -0.53 -2.03 25.05
CA ILE A 40 0.45 -1.46 26.03
C ILE A 40 1.67 -0.94 25.27
N ASN A 41 2.10 0.30 25.56
CA ASN A 41 3.27 0.91 24.88
C ASN A 41 4.55 0.23 25.35
N THR A 42 5.64 0.37 24.59
CA THR A 42 6.91 -0.24 24.99
C THR A 42 7.97 0.84 25.12
N LEU A 43 8.74 0.79 26.21
CA LEU A 43 9.86 1.71 26.44
C LEU A 43 11.16 0.94 26.24
N THR A 44 11.75 1.09 25.06
CA THR A 44 13.01 0.40 24.77
C THR A 44 14.15 1.00 25.57
N SER A 45 15.16 0.18 25.85
CA SER A 45 16.34 0.66 26.56
C SER A 45 17.51 0.75 25.59
N GLU A 46 18.19 1.91 25.57
CA GLU A 46 19.35 2.09 24.66
C GLU A 46 20.64 2.13 25.48
N GLU A 47 21.31 0.98 25.61
CA GLU A 47 22.60 0.91 26.35
C GLU A 47 23.61 0.08 25.54
N LEU A 48 24.85 0.56 25.44
CA LEU A 48 25.89 -0.15 24.64
C LEU A 48 26.21 -1.49 25.29
N ARG A 49 26.32 -2.56 24.48
CA ARG A 49 26.68 -3.90 25.01
C ARG A 49 27.85 -4.47 24.20
N PRO A 50 28.94 -4.94 24.85
CA PRO A 50 30.07 -5.54 24.12
C PRO A 50 29.61 -6.81 23.38
N ASP A 51 28.78 -7.63 24.02
CA ASP A 51 28.28 -8.88 23.37
C ASP A 51 27.19 -8.49 22.37
N ARG A 52 26.85 -7.20 22.30
CA ARG A 52 25.80 -6.73 21.35
C ARG A 52 24.48 -7.44 21.67
N ASN A 53 24.30 -7.89 22.92
CA ASN A 53 23.07 -8.63 23.30
C ASN A 53 21.90 -7.64 23.40
N SER A 54 20.69 -8.10 23.09
CA SER A 54 19.49 -7.21 23.21
C SER A 54 19.36 -6.76 24.66
N MET A 55 19.43 -5.44 24.89
CA MET A 55 19.33 -4.89 26.28
C MET A 55 17.96 -5.24 26.86
N GLY A 56 16.90 -4.71 26.25
CA GLY A 56 15.53 -5.01 26.72
C GLY A 56 14.59 -3.83 26.59
N ILE A 57 13.28 -4.07 26.70
CA ILE A 57 12.29 -3.01 26.60
C ILE A 57 11.35 -3.12 27.80
N ARG A 58 10.69 -1.99 28.11
CA ARG A 58 9.85 -1.89 29.28
C ARG A 58 8.42 -1.58 28.87
N HIS A 59 7.45 -2.17 29.57
CA HIS A 59 6.06 -1.89 29.29
C HIS A 59 5.71 -0.47 29.69
N GLY A 60 4.77 0.13 28.95
CA GLY A 60 4.35 1.49 29.23
C GLY A 60 2.88 1.61 29.55
N THR A 61 2.27 2.73 29.13
CA THR A 61 0.83 2.97 29.42
C THR A 61 -0.03 2.03 28.56
N ARG A 62 -1.25 1.74 29.02
CA ARG A 62 -2.15 0.82 28.27
C ARG A 62 -3.35 1.61 27.74
N GLN A 63 -3.91 1.20 26.59
CA GLN A 63 -5.12 1.86 26.06
C GLN A 63 -6.05 0.81 25.46
N VAL A 64 -7.30 0.75 25.93
CA VAL A 64 -8.30 -0.22 25.38
C VAL A 64 -8.87 0.35 24.08
N GLY A 65 -8.67 -0.36 22.96
CA GLY A 65 -9.23 0.08 21.67
C GLY A 65 -9.86 -1.09 20.93
N GLY A 66 -11.16 -0.99 20.62
CA GLY A 66 -11.86 -2.09 19.93
C GLY A 66 -12.87 -1.58 18.93
N GLU A 67 -13.03 -2.28 17.80
CA GLU A 67 -14.04 -1.88 16.78
C GLU A 67 -15.16 -2.91 16.77
N ILE A 68 -16.42 -2.47 16.81
CA ILE A 68 -17.58 -3.40 16.87
C ILE A 68 -18.47 -3.15 15.64
N VAL A 69 -18.81 -4.21 14.89
CA VAL A 69 -19.68 -4.07 13.70
C VAL A 69 -21.09 -4.54 14.07
N SER A 70 -22.10 -3.68 13.88
CA SER A 70 -23.50 -4.05 14.24
C SER A 70 -24.44 -3.65 13.10
N GLU A 71 -25.50 -4.45 12.88
CA GLU A 71 -26.50 -4.13 11.82
C GLU A 71 -27.50 -3.12 12.39
N LEU A 72 -27.82 -2.08 11.63
CA LEU A 72 -28.76 -1.03 12.11
C LEU A 72 -30.17 -1.61 12.24
N SER A 73 -30.81 -1.44 13.40
CA SER A 73 -32.18 -1.95 13.63
C SER A 73 -32.87 -1.06 14.67
N PHE A 74 -34.20 -1.10 14.76
CA PHE A 74 -34.92 -0.20 15.68
C PHE A 74 -34.80 -0.73 17.12
N GLU A 75 -35.24 0.08 18.10
CA GLU A 75 -35.20 -0.34 19.52
C GLU A 75 -33.83 -0.96 19.83
N SER A 76 -32.80 -0.54 19.10
CA SER A 76 -31.42 -1.03 19.33
C SER A 76 -30.39 0.01 18.90
N LEU A 77 -29.20 0.01 19.51
CA LEU A 77 -28.11 0.96 19.13
C LEU A 77 -28.52 2.40 19.50
N ASP A 78 -29.68 2.58 20.14
CA ASP A 78 -30.17 3.93 20.52
C ASP A 78 -29.19 4.55 21.54
N ASP A 79 -28.81 3.77 22.56
CA ASP A 79 -27.86 4.27 23.58
C ASP A 79 -26.53 4.61 22.90
N THR A 80 -26.08 3.75 21.99
CA THR A 80 -24.80 4.00 21.26
C THR A 80 -24.92 5.32 20.50
N LEU A 81 -26.02 5.52 19.76
CA LEU A 81 -26.23 6.78 19.01
C LEU A 81 -26.26 7.95 20.00
N GLU A 82 -27.05 7.81 21.07
CA GLU A 82 -27.18 8.91 22.07
C GLU A 82 -25.79 9.25 22.62
N ALA A 83 -25.06 8.23 23.11
CA ALA A 83 -23.72 8.47 23.69
C ALA A 83 -22.80 9.11 22.64
N LEU A 84 -22.71 8.50 21.45
CA LEU A 84 -21.81 9.03 20.39
C LEU A 84 -22.15 10.50 20.10
N MET A 85 -23.42 10.79 19.82
CA MET A 85 -23.84 12.17 19.48
C MET A 85 -23.54 13.10 20.65
N CYS A 86 -23.37 12.54 21.85
CA CYS A 86 -23.13 13.35 23.08
C CYS A 86 -24.38 14.17 23.41
N GLY A 87 -25.50 13.87 22.74
CA GLY A 87 -26.78 14.57 23.02
C GLY A 87 -27.71 13.67 23.81
N THR A 88 -28.94 14.12 24.06
CA THR A 88 -29.92 13.31 24.84
C THR A 88 -31.19 13.10 24.01
N TRP A 89 -31.69 11.85 23.97
CA TRP A 89 -32.94 11.55 23.21
C TRP A 89 -34.08 12.45 23.71
N ASN A 90 -34.75 13.16 22.80
CA ASN A 90 -35.84 14.05 23.17
C ASN A 90 -36.86 14.04 22.04
N ALA A 91 -38.10 13.65 22.36
CA ALA A 91 -39.19 13.59 21.38
C ALA A 91 -38.81 12.74 20.18
N ASP A 92 -38.11 11.64 20.45
CA ASP A 92 -37.60 10.74 19.41
C ASP A 92 -36.74 11.48 18.40
N ALA A 93 -36.01 12.49 18.87
CA ALA A 93 -35.12 13.29 18.04
C ALA A 93 -33.84 13.55 18.81
N LEU A 94 -32.70 13.36 18.14
CA LEU A 94 -31.39 13.49 18.76
C LEU A 94 -30.55 14.49 17.98
N VAL A 95 -29.97 15.45 18.70
CA VAL A 95 -29.08 16.45 18.05
C VAL A 95 -27.74 16.45 18.79
N ASN A 96 -26.63 16.58 18.05
CA ASN A 96 -25.27 16.54 18.67
C ASN A 96 -25.24 17.45 19.90
N GLY A 97 -24.89 16.88 21.06
CA GLY A 97 -24.79 17.68 22.29
C GLY A 97 -23.36 17.66 22.84
N VAL A 98 -23.22 17.73 24.18
CA VAL A 98 -21.88 17.71 24.82
C VAL A 98 -21.85 16.61 25.88
N THR A 99 -23.01 16.27 26.45
CA THR A 99 -23.07 15.26 27.55
C THR A 99 -22.30 14.01 27.14
N ARG A 100 -21.27 13.65 27.89
CA ARG A 100 -20.44 12.45 27.57
C ARG A 100 -20.91 11.27 28.41
N ARG A 101 -20.99 10.08 27.83
CA ARG A 101 -21.46 8.88 28.56
C ARG A 101 -20.37 7.80 28.51
N SER A 102 -19.93 7.31 29.67
CA SER A 102 -18.92 6.21 29.72
C SER A 102 -19.63 4.90 30.05
N PHE A 103 -19.19 3.79 29.44
CA PHE A 103 -19.87 2.48 29.65
C PHE A 103 -18.86 1.39 30.03
N SER A 104 -19.35 0.27 30.58
CA SER A 104 -18.47 -0.88 30.91
C SER A 104 -18.92 -2.07 30.05
N ILE A 105 -18.05 -2.55 29.15
CA ILE A 105 -18.46 -3.66 28.23
C ILE A 105 -17.92 -4.99 28.76
N LEU A 106 -18.77 -6.03 28.79
CA LEU A 106 -18.34 -7.36 29.28
C LEU A 106 -18.36 -8.37 28.12
N ARG A 107 -17.21 -9.00 27.83
CA ARG A 107 -17.16 -10.04 26.78
C ARG A 107 -17.29 -11.42 27.43
N GLN A 108 -18.31 -12.19 27.04
CA GLN A 108 -18.54 -13.51 27.69
C GLN A 108 -18.45 -14.61 26.64
N PHE A 109 -17.37 -15.40 26.67
CA PHE A 109 -17.19 -16.53 25.72
C PHE A 109 -17.97 -17.73 26.25
N ASN A 110 -19.18 -17.95 25.72
CA ASN A 110 -20.05 -19.05 26.23
C ASN A 110 -19.31 -20.39 26.16
N ASP A 111 -18.64 -20.65 25.03
CA ASP A 111 -17.95 -21.96 24.84
C ASP A 111 -16.82 -22.11 25.86
N LEU A 112 -16.10 -21.03 26.17
CA LEU A 112 -15.02 -21.07 27.19
C LEU A 112 -15.58 -21.62 28.50
N THR A 113 -14.87 -22.53 29.16
CA THR A 113 -15.35 -23.14 30.42
C THR A 113 -15.21 -22.13 31.56
N SER A 114 -15.87 -22.41 32.69
CA SER A 114 -15.76 -21.52 33.88
C SER A 114 -14.28 -21.40 34.29
N ALA A 115 -13.63 -22.54 34.54
CA ALA A 115 -12.23 -22.52 34.94
C ALA A 115 -11.36 -21.77 33.94
N SER A 116 -11.85 -21.58 32.72
CA SER A 116 -11.09 -20.91 31.67
C SER A 116 -11.27 -19.39 31.67
N LEU A 117 -12.04 -18.86 32.62
CA LEU A 117 -12.22 -17.42 32.79
C LEU A 117 -12.76 -16.76 31.52
N PRO A 118 -14.03 -17.00 31.18
CA PRO A 118 -14.56 -16.45 29.91
C PRO A 118 -14.92 -14.97 29.99
N ASN A 119 -15.20 -14.46 31.18
CA ASN A 119 -15.67 -13.08 31.30
C ASN A 119 -14.53 -12.09 31.12
N PHE A 120 -14.72 -11.16 30.19
CA PHE A 120 -13.75 -10.09 29.92
C PHE A 120 -14.46 -8.75 30.12
N VAL A 121 -13.93 -7.93 31.02
CA VAL A 121 -14.56 -6.67 31.42
C VAL A 121 -13.65 -5.52 31.02
N TYR A 122 -14.23 -4.51 30.39
CA TYR A 122 -13.51 -3.30 29.99
C TYR A 122 -14.22 -2.11 30.61
N VAL A 123 -13.45 -1.22 31.23
CA VAL A 123 -14.02 -0.08 31.93
C VAL A 123 -13.56 1.21 31.26
N GLY A 124 -14.42 2.24 31.32
CA GLY A 124 -14.05 3.55 30.75
C GLY A 124 -14.26 3.58 29.25
N CYS A 125 -15.00 2.63 28.70
CA CYS A 125 -15.24 2.57 27.22
C CYS A 125 -16.11 3.76 26.81
N GLU A 126 -15.63 4.58 25.87
CA GLU A 126 -16.43 5.72 25.37
C GLU A 126 -16.49 5.66 23.83
N TYR A 127 -17.69 5.75 23.25
CA TYR A 127 -17.85 5.71 21.78
C TYR A 127 -17.08 6.87 21.15
N ASN A 128 -16.21 6.58 20.19
CA ASN A 128 -15.37 7.63 19.56
C ASN A 128 -15.86 7.89 18.13
N THR A 129 -16.01 6.83 17.33
CA THR A 129 -16.36 7.04 15.90
C THR A 129 -17.54 6.17 15.46
N MET A 130 -18.15 6.49 14.31
CA MET A 130 -19.28 5.67 13.80
C MET A 130 -19.24 5.69 12.26
N THR A 131 -19.35 4.51 11.64
CA THR A 131 -19.35 4.43 10.15
C THR A 131 -20.71 3.89 9.69
N LEU A 132 -21.45 4.68 8.90
CA LEU A 132 -22.76 4.23 8.37
C LEU A 132 -22.65 4.05 6.85
N SER A 133 -22.94 2.84 6.37
CA SER A 133 -22.90 2.57 4.90
C SER A 133 -24.26 2.05 4.43
N ILE A 134 -24.81 2.67 3.38
CA ILE A 134 -26.14 2.25 2.84
C ILE A 134 -25.97 1.79 1.39
N THR A 135 -26.19 0.50 1.12
CA THR A 135 -26.05 -0.03 -0.22
C THR A 135 -27.34 -0.74 -0.62
N THR A 136 -27.69 -0.62 -1.90
CA THR A 136 -28.92 -1.22 -2.39
C THR A 136 -28.87 -2.75 -2.28
N GLU A 137 -29.96 -3.33 -1.79
CA GLU A 137 -30.06 -4.76 -1.52
C GLU A 137 -28.90 -5.24 -0.66
N ALA A 138 -28.55 -4.42 0.35
CA ALA A 138 -27.47 -4.79 1.30
C ALA A 138 -27.83 -4.23 2.67
N ILE A 139 -27.86 -5.07 3.71
CA ILE A 139 -28.30 -4.61 5.07
C ILE A 139 -27.45 -3.39 5.48
N VAL A 140 -28.10 -2.38 6.05
CA VAL A 140 -27.36 -1.17 6.54
C VAL A 140 -26.64 -1.55 7.84
N MET A 141 -25.32 -1.39 7.88
CA MET A 141 -24.53 -1.75 9.10
C MET A 141 -23.90 -0.48 9.69
N ALA A 142 -23.84 -0.39 11.01
CA ALA A 142 -23.21 0.77 11.67
C ALA A 142 -21.97 0.29 12.45
N THR A 143 -20.77 0.67 11.99
CA THR A 143 -19.51 0.27 12.68
C THR A 143 -19.26 1.25 13.84
N PHE A 144 -18.72 0.75 14.96
CA PHE A 144 -18.52 1.61 16.15
C PHE A 144 -17.10 1.48 16.69
N GLY A 145 -16.40 2.61 16.86
CA GLY A 145 -15.05 2.59 17.46
C GLY A 145 -15.09 3.14 18.87
N ILE A 146 -14.49 2.44 19.84
CA ILE A 146 -14.61 2.89 21.27
C ILE A 146 -13.22 3.11 21.86
N VAL A 147 -13.13 3.95 22.90
CA VAL A 147 -11.82 4.18 23.60
C VAL A 147 -12.03 3.85 25.08
N GLY A 148 -11.34 2.83 25.58
CA GLY A 148 -11.49 2.42 26.99
C GLY A 148 -10.27 2.79 27.83
N MET A 149 -10.45 2.87 29.15
CA MET A 149 -9.32 3.24 30.04
C MET A 149 -8.37 2.05 30.19
N ASN A 150 -8.89 0.89 30.64
CA ASN A 150 -8.03 -0.31 30.84
C ASN A 150 -8.94 -1.55 30.84
N GLN A 151 -8.35 -2.73 30.66
CA GLN A 151 -9.14 -3.99 30.61
C GLN A 151 -8.96 -4.75 31.93
N LEU A 152 -10.07 -5.15 32.56
CA LEU A 152 -9.99 -5.92 33.83
C LEU A 152 -9.49 -7.33 33.53
N GLU A 153 -8.76 -7.94 34.47
CA GLU A 153 -8.18 -9.30 34.24
C GLU A 153 -9.32 -10.32 34.05
N PRO A 154 -9.11 -11.39 33.26
CA PRO A 154 -10.12 -12.44 33.10
C PRO A 154 -10.44 -13.11 34.44
N SER A 155 -11.73 -13.30 34.75
CA SER A 155 -12.13 -13.96 36.02
C SER A 155 -13.27 -14.95 35.73
N SER A 156 -13.54 -15.88 36.65
CA SER A 156 -14.66 -16.79 36.44
C SER A 156 -15.98 -16.15 36.83
N THR A 157 -16.00 -15.42 37.95
CA THR A 157 -17.23 -14.83 38.44
C THR A 157 -17.50 -13.49 37.73
N VAL A 158 -18.74 -13.33 37.24
CA VAL A 158 -19.11 -12.07 36.53
C VAL A 158 -19.13 -10.92 37.54
N PRO A 159 -19.06 -9.64 37.11
CA PRO A 159 -19.13 -8.51 38.03
C PRO A 159 -20.31 -8.67 39.00
N THR A 160 -20.11 -8.32 40.27
CA THR A 160 -21.17 -8.50 41.30
C THR A 160 -22.48 -7.89 40.77
N GLY A 161 -23.56 -8.66 40.78
CA GLY A 161 -24.88 -8.17 40.31
C GLY A 161 -24.84 -7.78 38.83
N ALA A 162 -24.20 -8.60 38.00
CA ALA A 162 -24.13 -8.34 36.54
C ALA A 162 -25.44 -8.80 35.87
N THR A 163 -26.54 -8.10 36.14
CA THR A 163 -27.83 -8.46 35.49
C THR A 163 -27.66 -8.34 33.98
N PHE A 164 -28.01 -9.39 33.22
CA PHE A 164 -27.79 -9.38 31.76
C PHE A 164 -29.08 -9.03 31.03
N VAL A 165 -29.30 -7.74 30.75
CA VAL A 165 -30.51 -7.30 29.99
C VAL A 165 -30.36 -7.79 28.54
N GLU A 166 -31.47 -8.11 27.88
CA GLU A 166 -31.43 -8.59 26.47
C GLU A 166 -31.76 -7.44 25.53
N ALA A 167 -31.47 -7.61 24.23
CA ALA A 167 -31.73 -6.54 23.24
C ALA A 167 -32.88 -6.94 22.32
N PRO A 168 -33.89 -6.07 22.09
CA PRO A 168 -34.98 -6.38 21.18
C PRO A 168 -34.43 -6.77 19.80
N THR A 169 -34.80 -7.96 19.31
CA THR A 169 -34.30 -8.44 17.99
C THR A 169 -35.18 -7.88 16.87
N THR A 170 -35.24 -6.55 16.74
CA THR A 170 -36.04 -5.92 15.66
C THR A 170 -35.40 -6.21 14.29
N GLU A 171 -36.22 -6.32 13.24
CA GLU A 171 -35.70 -6.64 11.88
C GLU A 171 -34.65 -5.59 11.50
N PRO A 172 -33.47 -6.00 10.96
CA PRO A 172 -32.45 -5.05 10.53
C PRO A 172 -32.98 -4.06 9.49
N MET A 173 -32.61 -2.78 9.61
CA MET A 173 -33.07 -1.74 8.65
C MET A 173 -32.52 -2.09 7.26
N ASP A 174 -33.37 -2.02 6.23
CA ASP A 174 -32.92 -2.32 4.84
C ASP A 174 -32.63 -1.00 4.11
N SER A 175 -32.49 -1.05 2.79
CA SER A 175 -32.17 0.17 2.00
C SER A 175 -33.34 0.49 1.06
N PHE A 176 -34.43 -0.27 1.13
CA PHE A 176 -35.55 -0.05 0.21
C PHE A 176 -36.40 1.09 0.74
N THR A 177 -36.01 2.31 0.41
CA THR A 177 -36.78 3.50 0.73
C THR A 177 -36.97 4.31 -0.54
N GLY A 178 -38.07 5.05 -0.61
CA GLY A 178 -38.32 5.94 -1.74
C GLY A 178 -38.10 7.39 -1.37
N HIS A 179 -37.33 7.63 -0.31
CA HIS A 179 -37.15 8.97 0.25
C HIS A 179 -35.65 9.20 0.47
N VAL A 180 -35.02 9.86 -0.49
CA VAL A 180 -33.67 10.38 -0.36
C VAL A 180 -33.66 11.81 -0.88
N LYS A 181 -33.74 12.77 0.04
CA LYS A 181 -33.88 14.18 -0.30
C LYS A 181 -32.52 14.84 -0.43
N GLU A 182 -32.39 15.69 -1.45
CA GLU A 182 -31.17 16.47 -1.66
C GLU A 182 -31.42 17.96 -1.79
N GLY A 183 -32.51 18.39 -2.43
CA GLY A 183 -32.81 19.80 -2.54
C GLY A 183 -33.81 20.24 -1.49
N LEU A 184 -34.43 21.39 -1.73
CA LEU A 184 -35.51 21.84 -0.84
C LEU A 184 -36.69 20.88 -0.89
N ALA A 185 -37.03 20.42 -2.10
CA ALA A 185 -38.04 19.38 -2.26
C ALA A 185 -37.62 18.33 -3.28
N ASP A 186 -36.40 18.39 -3.78
CA ASP A 186 -35.92 17.48 -4.81
C ASP A 186 -35.56 16.13 -4.20
N ILE A 187 -35.97 15.05 -4.86
CA ILE A 187 -35.57 13.71 -4.45
C ILE A 187 -34.43 13.24 -5.35
N ALA A 188 -33.31 12.87 -4.72
CA ALA A 188 -32.12 12.48 -5.46
C ALA A 188 -32.25 11.05 -5.97
N VAL A 189 -31.40 10.69 -6.94
CA VAL A 189 -31.36 9.34 -7.48
C VAL A 189 -30.10 8.62 -7.03
N ALA A 190 -29.57 8.99 -5.85
CA ALA A 190 -28.33 8.42 -5.34
C ALA A 190 -28.49 6.92 -5.12
N THR A 191 -27.40 6.18 -5.37
CA THR A 191 -27.45 4.73 -5.28
C THR A 191 -26.90 4.22 -3.95
N GLU A 192 -25.69 4.64 -3.58
CA GLU A 192 -25.18 4.39 -2.23
C GLU A 192 -25.00 5.71 -1.49
N LEU A 193 -24.99 5.61 -0.16
CA LEU A 193 -24.82 6.75 0.73
C LEU A 193 -23.96 6.32 1.91
N GLU A 194 -23.00 7.16 2.28
CA GLU A 194 -22.06 6.85 3.35
C GLU A 194 -21.99 8.03 4.32
N LEU A 195 -21.99 7.73 5.61
CA LEU A 195 -21.94 8.74 6.67
C LEU A 195 -20.89 8.34 7.69
N GLN A 196 -20.06 9.29 8.11
CA GLN A 196 -19.02 9.01 9.13
C GLN A 196 -19.11 10.07 10.26
N ILE A 197 -18.99 9.63 11.52
CA ILE A 197 -19.05 10.57 12.68
C ILE A 197 -17.79 10.37 13.53
N GLU A 198 -17.17 11.46 13.99
CA GLU A 198 -15.95 11.37 14.83
C GLU A 198 -16.10 12.27 16.06
N ASN A 199 -15.61 11.82 17.23
CA ASN A 199 -15.70 12.62 18.48
C ASN A 199 -14.32 13.14 18.87
N GLY A 200 -13.29 12.80 18.10
CA GLY A 200 -11.92 13.30 18.36
C GLY A 200 -11.48 13.05 19.79
N ILE A 201 -11.99 12.00 20.43
CA ILE A 201 -11.60 11.68 21.80
C ILE A 201 -10.20 11.09 21.81
N ALA A 202 -9.34 11.62 22.68
CA ALA A 202 -7.96 11.16 22.81
C ALA A 202 -7.65 10.97 24.29
N PRO A 203 -6.76 10.05 24.66
CA PRO A 203 -6.53 9.77 26.08
C PRO A 203 -5.51 10.70 26.71
N ARG A 204 -5.52 10.75 28.03
CA ARG A 204 -4.67 11.65 28.81
C ARG A 204 -3.92 10.85 29.86
N TYR A 205 -2.60 10.99 29.88
CA TYR A 205 -1.73 10.25 30.79
C TYR A 205 -1.03 11.20 31.73
N VAL A 206 -0.74 10.70 32.93
CA VAL A 206 -0.06 11.46 33.97
C VAL A 206 1.01 10.59 34.62
N ILE A 207 1.78 11.18 35.53
CA ILE A 207 2.82 10.45 36.23
C ILE A 207 2.20 9.46 37.21
N GLY A 208 2.77 8.25 37.25
CA GLY A 208 2.33 7.25 38.20
C GLY A 208 1.05 6.53 37.85
N SER A 209 0.56 6.71 36.62
CA SER A 209 -0.68 6.08 36.18
C SER A 209 -0.40 5.25 34.93
N LYS A 210 -0.61 3.94 35.02
CA LYS A 210 -0.51 3.06 33.87
C LYS A 210 -1.64 3.25 32.88
N LYS A 211 -2.79 3.75 33.33
CA LYS A 211 -3.96 3.91 32.50
C LYS A 211 -4.26 5.40 32.31
N SER A 212 -5.19 5.69 31.38
CA SER A 212 -5.58 7.06 31.09
C SER A 212 -6.63 7.49 32.10
N ILE A 213 -6.35 8.56 32.84
CA ILE A 213 -7.27 9.03 33.88
C ILE A 213 -8.52 9.62 33.25
N LYS A 214 -8.36 10.33 32.13
CA LYS A 214 -9.48 10.95 31.43
C LYS A 214 -9.19 10.95 29.93
N GLN A 215 -10.17 11.40 29.15
CA GLN A 215 -10.00 11.57 27.71
C GLN A 215 -10.51 12.95 27.31
N SER A 216 -9.61 13.79 26.81
CA SER A 216 -10.04 15.13 26.31
C SER A 216 -10.85 14.94 25.03
N ILE A 217 -12.17 15.19 25.10
CA ILE A 217 -13.05 15.02 23.90
C ILE A 217 -12.66 16.03 22.83
N GLY A 218 -12.72 15.63 21.56
CA GLY A 218 -12.36 16.55 20.46
C GLY A 218 -13.60 17.15 19.81
N ARG A 219 -13.43 17.92 18.74
CA ARG A 219 -14.57 18.57 18.06
C ARG A 219 -15.46 17.50 17.42
N PHE A 220 -16.78 17.72 17.41
CA PHE A 220 -17.71 16.76 16.75
C PHE A 220 -17.51 16.87 15.24
N LYS A 221 -17.28 15.74 14.56
CA LYS A 221 -16.98 15.78 13.11
C LYS A 221 -18.00 14.93 12.35
N VAL A 222 -18.70 15.53 11.36
CA VAL A 222 -19.68 14.76 10.54
C VAL A 222 -19.37 14.98 9.06
N SER A 223 -19.07 13.91 8.32
CA SER A 223 -18.80 14.01 6.87
C SER A 223 -19.34 12.76 6.17
N GLY A 224 -19.10 12.60 4.87
CA GLY A 224 -19.65 11.45 4.20
C GLY A 224 -19.31 11.43 2.73
N THR A 225 -19.83 10.43 2.04
CA THR A 225 -19.64 10.25 0.60
C THR A 225 -20.97 9.87 -0.02
N LEU A 226 -21.29 10.50 -1.16
CA LEU A 226 -22.52 10.24 -1.88
C LEU A 226 -22.20 9.83 -3.30
N THR A 227 -22.67 8.65 -3.70
CA THR A 227 -22.44 8.11 -5.04
C THR A 227 -23.78 8.00 -5.74
N ALA A 228 -23.84 8.41 -7.00
CA ALA A 228 -25.06 8.37 -7.79
C ALA A 228 -24.74 8.01 -9.23
N TYR A 229 -25.72 8.19 -10.12
CA TYR A 229 -25.48 7.92 -11.56
C TYR A 229 -25.34 9.25 -12.30
N PHE A 230 -24.54 9.28 -13.37
CA PHE A 230 -24.31 10.54 -14.13
C PHE A 230 -25.56 10.89 -14.93
N GLU A 231 -26.52 9.97 -15.01
CA GLU A 231 -27.79 10.25 -15.73
C GLU A 231 -28.36 11.58 -15.25
N ASP A 232 -28.43 11.77 -13.92
CA ASP A 232 -28.91 13.06 -13.36
C ASP A 232 -27.80 14.10 -13.51
N ALA A 233 -28.09 15.25 -14.12
CA ALA A 233 -27.05 16.26 -14.33
C ALA A 233 -27.17 17.43 -13.36
N THR A 234 -28.16 17.37 -12.47
CA THR A 234 -28.34 18.45 -11.46
C THR A 234 -27.16 18.42 -10.49
N LEU A 235 -26.88 17.25 -9.89
CA LEU A 235 -25.73 17.12 -8.96
C LEU A 235 -24.45 17.54 -9.68
N VAL A 236 -24.32 17.18 -10.97
CA VAL A 236 -23.14 17.60 -11.76
C VAL A 236 -23.12 19.12 -11.84
N GLY A 237 -21.99 19.74 -11.54
CA GLY A 237 -21.89 21.22 -11.58
C GLY A 237 -22.01 21.82 -10.18
N LYS A 238 -22.80 21.19 -9.30
CA LYS A 238 -22.93 21.67 -7.91
C LYS A 238 -21.54 21.63 -7.26
N PHE A 239 -20.69 20.68 -7.65
CA PHE A 239 -19.30 20.64 -7.13
C PHE A 239 -18.52 21.83 -7.70
N LEU A 240 -18.63 22.05 -9.01
CA LEU A 240 -17.85 23.14 -9.67
C LEU A 240 -18.21 24.48 -9.03
N ARG A 241 -19.50 24.78 -8.90
CA ARG A 241 -19.95 26.07 -8.30
C ARG A 241 -19.98 25.93 -6.78
N GLU A 242 -20.06 27.05 -6.05
CA GLU A 242 -20.18 26.98 -4.58
C GLU A 242 -21.68 26.90 -4.23
N GLU A 243 -22.15 25.73 -3.80
CA GLU A 243 -23.58 25.58 -3.51
C GLU A 243 -23.70 24.77 -2.23
N ALA A 244 -24.59 25.21 -1.34
CA ALA A 244 -24.81 24.53 -0.06
C ALA A 244 -26.16 23.82 -0.12
N SER A 245 -26.12 22.51 -0.36
CA SER A 245 -27.32 21.69 -0.43
C SER A 245 -27.59 21.08 0.95
N SER A 246 -28.53 20.13 1.00
CA SER A 246 -28.85 19.41 2.23
C SER A 246 -29.02 17.94 1.89
N LEU A 247 -28.88 17.09 2.91
CA LEU A 247 -29.04 15.65 2.74
C LEU A 247 -30.04 15.14 3.77
N GLU A 248 -30.86 14.18 3.37
CA GLU A 248 -31.93 13.65 4.21
C GLU A 248 -32.31 12.27 3.68
N PHE A 249 -32.04 11.23 4.46
CA PHE A 249 -32.32 9.86 4.06
C PHE A 249 -32.92 9.10 5.23
N VAL A 250 -33.77 8.11 4.92
CA VAL A 250 -34.48 7.36 5.99
C VAL A 250 -34.28 5.86 5.77
N VAL A 251 -33.68 5.17 6.75
CA VAL A 251 -33.52 3.69 6.66
C VAL A 251 -34.88 3.06 6.99
N THR A 252 -35.22 1.95 6.30
CA THR A 252 -36.54 1.31 6.53
C THR A 252 -36.35 -0.01 7.29
N ASP A 253 -36.94 -0.12 8.48
CA ASP A 253 -36.86 -1.38 9.26
C ASP A 253 -37.53 -2.48 8.45
N GLY A 254 -38.69 -2.19 7.86
CA GLY A 254 -39.45 -3.18 7.08
C GLY A 254 -40.92 -2.84 7.03
N LEU A 255 -41.80 -3.84 7.11
CA LEU A 255 -43.26 -3.60 7.10
C LEU A 255 -43.63 -2.73 8.32
N ALA A 256 -42.99 -2.96 9.45
CA ALA A 256 -43.28 -2.18 10.68
C ALA A 256 -42.98 -0.69 10.43
N GLY A 257 -43.82 0.21 10.95
CA GLY A 257 -43.64 1.65 10.72
C GLY A 257 -42.35 2.18 11.32
N ASN A 258 -41.83 1.51 12.35
CA ASN A 258 -40.60 1.99 13.03
C ASN A 258 -39.49 2.23 11.99
N SER A 259 -38.81 3.37 12.08
CA SER A 259 -37.74 3.71 11.10
C SER A 259 -36.86 4.83 11.66
N TYR A 260 -35.68 5.05 11.08
CA TYR A 260 -34.80 6.12 11.53
C TYR A 260 -34.66 7.16 10.43
N LYS A 261 -34.55 8.43 10.82
CA LYS A 261 -34.44 9.54 9.89
C LYS A 261 -33.20 10.35 10.22
N PHE A 262 -32.24 10.36 9.29
CA PHE A 262 -31.02 11.14 9.44
C PHE A 262 -31.10 12.35 8.52
N GLU A 263 -30.74 13.52 9.06
CA GLU A 263 -30.85 14.77 8.30
C GLU A 263 -29.59 15.60 8.53
N LEU A 264 -29.03 16.12 7.43
CA LEU A 264 -27.89 17.03 7.47
C LEU A 264 -28.30 18.34 6.83
N PRO A 265 -28.76 19.33 7.60
CA PRO A 265 -29.40 20.52 6.99
C PRO A 265 -28.48 21.32 6.08
N LYS A 266 -27.18 21.34 6.33
CA LYS A 266 -26.24 22.11 5.52
C LYS A 266 -25.01 21.27 5.19
N ILE A 267 -24.85 20.94 3.91
CA ILE A 267 -23.66 20.28 3.40
C ILE A 267 -23.25 20.96 2.11
N LYS A 268 -22.00 20.74 1.72
CA LYS A 268 -21.51 21.17 0.41
C LYS A 268 -20.63 20.04 -0.14
N TYR A 269 -20.54 19.95 -1.46
CA TYR A 269 -19.84 18.84 -2.08
C TYR A 269 -18.37 19.19 -2.33
N THR A 270 -17.50 18.29 -1.89
CA THR A 270 -16.05 18.46 -2.01
C THR A 270 -15.51 17.96 -3.35
N GLY A 271 -16.11 16.93 -3.92
CA GLY A 271 -15.65 16.41 -5.20
C GLY A 271 -16.81 16.17 -6.13
N GLY A 272 -16.55 15.33 -7.12
CA GLY A 272 -17.55 15.01 -8.14
C GLY A 272 -16.89 14.82 -9.49
N GLN A 273 -17.02 13.62 -10.07
CA GLN A 273 -16.30 13.36 -11.34
C GLN A 273 -17.00 12.29 -12.18
N PRO A 274 -17.53 12.63 -13.38
CA PRO A 274 -18.12 11.63 -14.27
C PRO A 274 -17.04 11.03 -15.19
N ASP A 275 -16.76 9.74 -15.06
CA ASP A 275 -15.71 9.08 -15.88
C ASP A 275 -16.35 8.10 -16.87
N VAL A 276 -16.10 8.31 -18.17
CA VAL A 276 -16.66 7.41 -19.21
C VAL A 276 -16.15 5.99 -18.97
N GLY A 277 -14.84 5.85 -18.74
CA GLY A 277 -14.24 4.51 -18.53
C GLY A 277 -14.18 3.72 -19.81
N GLY A 278 -13.82 2.44 -19.73
CA GLY A 278 -13.80 1.58 -20.93
C GLY A 278 -15.18 1.41 -21.53
N GLU A 279 -16.17 1.08 -20.69
CA GLU A 279 -17.56 0.88 -21.16
C GLU A 279 -18.51 0.90 -19.95
N GLY A 280 -19.80 0.59 -20.17
CA GLY A 280 -20.77 0.54 -19.07
C GLY A 280 -21.28 1.92 -18.68
N PRO A 281 -22.22 2.04 -17.73
CA PRO A 281 -22.81 3.33 -17.36
C PRO A 281 -21.79 4.22 -16.63
N ILE A 282 -22.04 5.54 -16.61
CA ILE A 282 -21.12 6.49 -15.92
C ILE A 282 -21.68 6.78 -14.53
N THR A 283 -20.88 6.53 -13.49
CA THR A 283 -21.33 6.78 -12.09
C THR A 283 -20.95 8.20 -11.68
N LEU A 284 -21.05 8.52 -10.37
CA LEU A 284 -20.76 9.87 -9.93
C LEU A 284 -20.59 9.90 -8.41
N SER A 285 -19.33 9.95 -7.97
CA SER A 285 -19.03 10.01 -6.55
C SER A 285 -18.88 11.47 -6.11
N MET A 286 -19.65 11.87 -5.11
CA MET A 286 -19.75 13.27 -4.69
C MET A 286 -19.54 13.39 -3.19
N PRO A 287 -18.29 13.35 -2.73
CA PRO A 287 -18.04 13.49 -1.29
C PRO A 287 -18.47 14.86 -0.78
N PHE A 288 -18.89 14.91 0.49
CA PHE A 288 -19.42 16.13 1.07
C PHE A 288 -18.96 16.25 2.52
N VAL A 289 -19.00 17.49 3.03
CA VAL A 289 -18.67 17.79 4.42
C VAL A 289 -19.84 18.58 5.02
N ALA A 290 -20.35 18.12 6.17
CA ALA A 290 -21.50 18.80 6.80
C ALA A 290 -21.02 20.04 7.57
N GLU A 291 -21.93 20.99 7.83
CA GLU A 291 -21.56 22.23 8.55
C GLU A 291 -22.67 22.62 9.53
N TYR A 292 -22.40 23.54 10.45
CA TYR A 292 -23.39 23.93 11.49
C TYR A 292 -24.60 24.62 10.84
N ASP A 293 -25.82 24.19 11.21
CA ASP A 293 -27.05 24.85 10.72
C ASP A 293 -27.81 25.36 11.94
N PRO A 294 -28.00 26.69 12.13
CA PRO A 294 -28.62 27.20 13.36
C PRO A 294 -30.08 26.85 13.52
N THR A 295 -30.75 26.37 12.47
CA THR A 295 -32.17 26.03 12.58
C THR A 295 -32.39 24.86 13.54
N ILE A 296 -31.48 23.88 13.49
CA ILE A 296 -31.58 22.71 14.41
C ILE A 296 -30.57 22.89 15.54
N LEU A 297 -29.81 24.00 15.52
CA LEU A 297 -28.77 24.24 16.55
C LEU A 297 -27.85 23.01 16.65
N GLY A 298 -27.48 22.42 15.50
CA GLY A 298 -26.61 21.24 15.50
C GLY A 298 -26.11 20.91 14.10
N THR A 299 -25.33 19.85 13.96
CA THR A 299 -24.81 19.43 12.64
C THR A 299 -25.68 18.29 12.09
N LEU A 300 -26.11 17.36 12.94
CA LEU A 300 -26.92 16.21 12.49
C LEU A 300 -28.14 16.04 13.40
N LYS A 301 -29.24 15.50 12.87
CA LYS A 301 -30.46 15.30 13.65
C LYS A 301 -31.06 13.95 13.28
N ILE A 302 -30.97 12.99 14.20
CA ILE A 302 -31.56 11.67 14.01
C ILE A 302 -32.94 11.66 14.66
N THR A 303 -33.93 11.12 13.95
CA THR A 303 -35.32 11.12 14.40
C THR A 303 -35.91 9.73 14.21
N ARG A 304 -36.56 9.22 15.25
CA ARG A 304 -37.28 7.96 15.14
C ARG A 304 -38.74 8.21 14.83
N ILE A 305 -39.24 7.64 13.74
CA ILE A 305 -40.66 7.66 13.41
C ILE A 305 -41.29 6.29 13.74
N GLY A 306 -40.72 5.58 14.70
CA GLY A 306 -41.14 4.22 14.99
C GLY A 306 -42.59 4.16 15.47
N ALA A 307 -43.31 3.17 14.96
CA ALA A 307 -44.69 2.93 15.36
C ALA A 307 -44.73 2.11 16.65
N SER B 2 -25.80 8.51 -17.92
CA SER B 2 -25.05 8.35 -19.19
C SER B 2 -24.22 7.06 -19.16
N ASP B 3 -23.89 6.51 -20.33
CA ASP B 3 -23.07 5.27 -20.40
C ASP B 3 -21.76 5.58 -21.14
N GLY B 4 -20.74 4.74 -20.96
CA GLY B 4 -19.44 4.95 -21.64
C GLY B 4 -19.53 4.58 -23.12
N SER B 5 -20.62 3.94 -23.53
CA SER B 5 -20.75 3.48 -24.95
C SER B 5 -20.93 4.70 -25.87
N ARG B 6 -21.83 5.61 -25.52
CA ARG B 6 -22.12 6.79 -26.39
C ARG B 6 -21.42 8.04 -25.85
N HIS B 7 -20.13 8.21 -26.13
CA HIS B 7 -19.40 9.44 -25.70
C HIS B 7 -18.50 9.90 -26.85
N SER B 8 -18.38 11.23 -27.03
CA SER B 8 -17.51 11.78 -28.10
C SER B 8 -16.58 12.85 -27.49
N MET B 9 -15.30 12.82 -27.88
CA MET B 9 -14.31 13.81 -27.36
C MET B 9 -13.65 14.54 -28.54
N HIS B 10 -13.62 15.88 -28.49
CA HIS B 10 -13.02 16.69 -29.58
C HIS B 10 -12.12 17.76 -28.96
N GLN B 11 -11.08 18.19 -29.70
CA GLN B 11 -10.14 19.24 -29.18
C GLN B 11 -9.83 20.25 -30.29
N VAL B 12 -9.55 21.50 -29.89
CA VAL B 12 -9.19 22.56 -30.89
C VAL B 12 -7.97 23.32 -30.37
N LEU B 13 -7.01 23.63 -31.25
CA LEU B 13 -5.82 24.41 -30.84
C LEU B 13 -6.25 25.83 -30.46
N GLU B 14 -5.81 26.31 -29.29
CA GLU B 14 -6.18 27.65 -28.82
C GLU B 14 -5.20 28.68 -29.37
N THR B 15 -5.75 29.83 -29.79
CA THR B 15 -4.89 30.95 -30.18
C THR B 15 -4.58 31.86 -29.00
N VAL B 16 -5.52 32.01 -28.07
CA VAL B 16 -5.32 32.75 -26.83
C VAL B 16 -5.53 31.78 -25.68
N TYR B 17 -4.59 31.75 -24.74
CA TYR B 17 -4.67 30.81 -23.63
C TYR B 17 -5.94 31.02 -22.81
N GLY B 18 -6.57 29.92 -22.44
CA GLY B 18 -7.74 29.94 -21.59
C GLY B 18 -9.03 30.32 -22.26
N GLU B 19 -9.07 30.36 -23.60
CA GLU B 19 -10.26 30.76 -24.34
C GLU B 19 -10.46 29.84 -25.53
N VAL B 20 -11.71 29.52 -25.82
CA VAL B 20 -12.04 28.74 -27.03
C VAL B 20 -11.94 29.66 -28.24
N PRO B 21 -11.39 29.21 -29.37
CA PRO B 21 -11.33 30.07 -30.56
C PRO B 21 -12.71 30.47 -31.04
N ALA B 22 -12.74 31.43 -31.96
CA ALA B 22 -14.01 31.96 -32.46
C ALA B 22 -14.81 30.88 -33.19
N THR B 23 -14.15 30.16 -34.10
CA THR B 23 -14.80 29.01 -34.79
C THR B 23 -14.00 27.76 -34.47
N PRO B 24 -14.14 27.15 -33.28
CA PRO B 24 -13.31 26.00 -32.88
C PRO B 24 -13.39 24.82 -33.86
N ALA B 25 -12.23 24.39 -34.38
CA ALA B 25 -12.19 23.21 -35.27
C ALA B 25 -12.00 21.96 -34.42
N PHE B 26 -12.98 21.64 -33.56
CA PHE B 26 -12.87 20.47 -32.66
C PHE B 26 -12.53 19.22 -33.47
N LYS B 27 -11.49 18.49 -33.07
CA LYS B 27 -11.05 17.29 -33.83
C LYS B 27 -11.30 16.03 -33.01
N ARG B 28 -11.88 15.00 -33.63
CA ARG B 28 -12.21 13.74 -32.90
C ARG B 28 -10.93 13.12 -32.33
N ILE B 29 -10.98 12.68 -31.07
CA ILE B 29 -9.79 12.07 -30.40
C ILE B 29 -10.09 10.59 -30.15
N ARG B 30 -9.55 9.71 -30.99
CA ARG B 30 -9.74 8.25 -30.78
C ARG B 30 -9.14 7.87 -29.42
N HIS B 31 -9.96 7.30 -28.53
CA HIS B 31 -9.47 6.97 -27.16
C HIS B 31 -10.22 5.76 -26.61
N ASN B 32 -9.78 5.25 -25.44
CA ASN B 32 -10.41 4.10 -24.83
C ASN B 32 -11.16 4.47 -23.55
N SER B 33 -10.44 5.11 -22.62
CA SER B 33 -11.09 5.57 -21.36
C SER B 33 -10.50 6.94 -20.97
N THR B 34 -11.29 7.79 -20.31
CA THR B 34 -10.82 9.15 -19.95
C THR B 34 -11.22 9.49 -18.51
N THR B 35 -10.39 10.28 -17.81
CA THR B 35 -10.70 10.71 -16.43
C THR B 35 -10.65 12.23 -16.35
N LEU B 36 -10.74 12.91 -17.49
CA LEU B 36 -10.64 14.40 -17.52
C LEU B 36 -11.69 15.01 -16.58
N ALA B 37 -11.25 15.90 -15.67
CA ALA B 37 -12.19 16.57 -14.73
C ALA B 37 -11.51 17.82 -14.17
N THR B 38 -12.04 18.37 -13.07
CA THR B 38 -11.43 19.57 -12.43
C THR B 38 -11.29 19.32 -10.92
N ALA B 39 -10.37 20.02 -10.26
CA ALA B 39 -10.15 19.86 -8.80
C ALA B 39 -10.25 21.22 -8.12
N ILE B 40 -11.07 21.32 -7.05
CA ILE B 40 -11.26 22.60 -6.33
C ILE B 40 -10.60 22.50 -4.94
N ASN B 41 -9.85 23.52 -4.54
CA ASN B 41 -9.14 23.50 -3.22
C ASN B 41 -10.16 23.70 -2.09
N THR B 42 -9.77 23.36 -0.86
CA THR B 42 -10.68 23.51 0.31
C THR B 42 -9.98 24.31 1.42
N LEU B 43 -10.57 25.41 1.86
CA LEU B 43 -9.99 26.23 2.93
C LEU B 43 -10.82 26.01 4.19
N THR B 44 -10.35 25.11 5.06
CA THR B 44 -11.14 24.75 6.26
C THR B 44 -11.20 25.92 7.26
N SER B 45 -12.27 25.99 8.06
CA SER B 45 -12.40 27.05 9.09
C SER B 45 -12.10 26.43 10.47
N GLU B 46 -11.26 27.09 11.27
CA GLU B 46 -10.87 26.52 12.59
C GLU B 46 -11.54 27.32 13.71
N GLU B 47 -12.62 28.05 13.39
CA GLU B 47 -13.34 28.84 14.42
C GLU B 47 -13.78 27.90 15.56
N LEU B 48 -13.46 28.26 16.80
CA LEU B 48 -13.82 27.41 17.97
C LEU B 48 -15.34 27.38 18.13
N ARG B 49 -15.90 26.20 18.44
CA ARG B 49 -17.36 26.07 18.64
C ARG B 49 -17.62 25.43 20.01
N PRO B 50 -18.43 26.04 20.89
CA PRO B 50 -18.76 25.46 22.20
C PRO B 50 -19.41 24.08 22.04
N ASP B 51 -20.32 23.94 21.08
CA ASP B 51 -21.00 22.64 20.84
C ASP B 51 -20.15 21.82 19.87
N ARG B 52 -18.91 22.26 19.62
CA ARG B 52 -17.99 21.52 18.71
C ARG B 52 -18.67 21.32 17.35
N ASN B 53 -19.66 22.16 17.02
CA ASN B 53 -20.35 22.06 15.72
C ASN B 53 -19.34 22.31 14.59
N SER B 54 -19.35 21.47 13.55
CA SER B 54 -18.43 21.66 12.41
C SER B 54 -18.70 23.02 11.76
N MET B 55 -17.69 23.89 11.72
CA MET B 55 -17.85 25.25 11.13
C MET B 55 -18.07 25.12 9.62
N GLY B 56 -17.29 24.26 8.96
CA GLY B 56 -17.40 24.09 7.50
C GLY B 56 -16.09 24.47 6.80
N ILE B 57 -16.04 24.34 5.48
CA ILE B 57 -14.80 24.65 4.72
C ILE B 57 -15.13 25.64 3.60
N ARG B 58 -14.13 26.37 3.11
CA ARG B 58 -14.36 27.29 2.00
C ARG B 58 -13.69 26.75 0.75
N HIS B 59 -14.34 26.95 -0.41
CA HIS B 59 -13.78 26.42 -1.69
C HIS B 59 -12.51 27.20 -2.07
N GLY B 60 -11.72 26.66 -3.00
CA GLY B 60 -10.47 27.32 -3.43
C GLY B 60 -10.31 27.30 -4.94
N THR B 61 -9.15 27.71 -5.44
CA THR B 61 -8.92 27.79 -6.91
C THR B 61 -9.19 26.42 -7.55
N ARG B 62 -9.77 26.42 -8.75
CA ARG B 62 -10.08 25.13 -9.45
C ARG B 62 -9.02 24.89 -10.53
N GLN B 63 -8.67 23.63 -10.76
CA GLN B 63 -7.70 23.27 -11.84
C GLN B 63 -8.19 22.03 -12.58
N VAL B 64 -8.25 22.10 -13.90
CA VAL B 64 -8.71 20.92 -14.71
C VAL B 64 -7.58 19.89 -14.79
N GLY B 65 -7.84 18.66 -14.34
CA GLY B 65 -6.84 17.58 -14.42
C GLY B 65 -7.47 16.30 -14.91
N GLY B 66 -7.02 15.78 -16.06
CA GLY B 66 -7.63 14.56 -16.63
C GLY B 66 -6.61 13.69 -17.31
N GLU B 67 -6.79 12.36 -17.23
CA GLU B 67 -5.86 11.41 -17.91
C GLU B 67 -6.67 10.63 -18.96
N ILE B 68 -6.20 10.63 -20.22
CA ILE B 68 -6.95 9.95 -21.31
C ILE B 68 -6.07 8.82 -21.87
N VAL B 69 -6.66 7.64 -22.12
CA VAL B 69 -5.89 6.49 -22.67
C VAL B 69 -6.26 6.30 -24.14
N SER B 70 -5.26 6.28 -25.03
CA SER B 70 -5.52 6.14 -26.48
C SER B 70 -4.58 5.09 -27.09
N GLU B 71 -5.08 4.31 -28.05
CA GLU B 71 -4.21 3.30 -28.73
C GLU B 71 -3.37 4.01 -29.80
N LEU B 72 -2.09 3.64 -29.90
CA LEU B 72 -1.18 4.30 -30.88
C LEU B 72 -1.59 3.89 -32.30
N SER B 73 -1.69 4.87 -33.22
CA SER B 73 -2.05 4.57 -34.63
C SER B 73 -1.49 5.68 -35.53
N PHE B 74 -1.49 5.49 -36.85
CA PHE B 74 -0.87 6.48 -37.76
C PHE B 74 -1.89 7.57 -38.09
N GLU B 75 -1.42 8.72 -38.59
CA GLU B 75 -2.32 9.84 -38.95
C GLU B 75 -3.20 10.18 -37.75
N SER B 76 -2.72 9.87 -36.54
CA SER B 76 -3.49 10.17 -35.30
C SER B 76 -2.53 10.44 -34.15
N LEU B 77 -2.95 11.25 -33.16
CA LEU B 77 -2.12 11.56 -31.96
C LEU B 77 -0.89 12.38 -32.38
N ASP B 78 -0.79 12.77 -33.66
CA ASP B 78 0.37 13.54 -34.15
C ASP B 78 0.40 14.91 -33.45
N ASP B 79 -0.75 15.59 -33.39
CA ASP B 79 -0.82 16.91 -32.71
C ASP B 79 -0.48 16.72 -31.23
N THR B 80 -1.01 15.65 -30.62
CA THR B 80 -0.73 15.37 -29.19
C THR B 80 0.79 15.21 -29.00
N LEU B 81 1.43 14.40 -29.85
CA LEU B 81 2.89 14.19 -29.76
C LEU B 81 3.61 15.53 -29.99
N GLU B 82 3.22 16.26 -31.03
CA GLU B 82 3.88 17.55 -31.36
C GLU B 82 3.76 18.49 -30.15
N ALA B 83 2.56 18.65 -29.61
CA ALA B 83 2.35 19.55 -28.45
C ALA B 83 3.15 19.03 -27.26
N LEU B 84 3.08 17.73 -26.98
CA LEU B 84 3.79 17.14 -25.83
C LEU B 84 5.30 17.35 -26.01
N MET B 85 5.82 17.09 -27.20
CA MET B 85 7.29 17.22 -27.46
C MET B 85 7.65 18.70 -27.51
N CYS B 86 6.64 19.59 -27.51
CA CYS B 86 6.90 21.04 -27.60
C CYS B 86 7.80 21.32 -28.80
N GLY B 87 7.59 20.60 -29.91
CA GLY B 87 8.39 20.81 -31.12
C GLY B 87 7.51 21.07 -32.33
N THR B 88 8.03 20.88 -33.54
CA THR B 88 7.21 21.05 -34.77
C THR B 88 7.48 19.89 -35.73
N TRP B 89 6.43 19.27 -36.27
CA TRP B 89 6.61 18.17 -37.25
C TRP B 89 7.37 18.70 -38.47
N ASN B 90 8.65 18.33 -38.60
CA ASN B 90 9.49 18.79 -39.69
C ASN B 90 10.07 17.57 -40.39
N ALA B 91 9.78 17.42 -41.68
CA ALA B 91 10.27 16.31 -42.50
C ALA B 91 9.89 14.97 -41.87
N ASP B 92 8.68 14.91 -41.33
CA ASP B 92 8.17 13.73 -40.63
C ASP B 92 9.11 13.32 -39.49
N ALA B 93 9.74 14.30 -38.86
CA ALA B 93 10.65 14.07 -37.74
C ALA B 93 10.38 15.13 -36.68
N LEU B 94 10.30 14.69 -35.42
CA LEU B 94 9.97 15.57 -34.30
C LEU B 94 11.06 15.46 -33.25
N VAL B 95 11.57 16.61 -32.79
CA VAL B 95 12.59 16.60 -31.69
C VAL B 95 12.06 17.45 -30.53
N ASN B 96 12.35 17.03 -29.29
CA ASN B 96 11.91 17.80 -28.09
C ASN B 96 12.46 19.23 -28.15
N GLY B 97 11.58 20.23 -28.18
CA GLY B 97 12.03 21.64 -28.24
C GLY B 97 11.29 22.49 -27.22
N VAL B 98 11.03 23.76 -27.54
CA VAL B 98 10.29 24.67 -26.62
C VAL B 98 9.14 25.32 -27.41
N THR B 99 8.07 24.58 -27.67
CA THR B 99 6.89 25.13 -28.41
C THR B 99 5.61 24.63 -27.74
N ARG B 100 5.25 25.24 -26.60
CA ARG B 100 4.05 24.79 -25.84
C ARG B 100 2.78 25.05 -26.66
N ARG B 101 1.80 24.13 -26.58
CA ARG B 101 0.51 24.32 -27.31
C ARG B 101 -0.64 24.14 -26.34
N SER B 102 -1.57 25.11 -26.28
CA SER B 102 -2.76 24.98 -25.41
C SER B 102 -3.97 24.60 -26.27
N PHE B 103 -4.81 23.67 -25.77
CA PHE B 103 -5.97 23.19 -26.55
C PHE B 103 -7.26 23.29 -25.73
N SER B 104 -8.42 23.24 -26.41
CA SER B 104 -9.73 23.23 -25.70
C SER B 104 -10.41 21.89 -25.97
N ILE B 105 -10.61 21.08 -24.93
CA ILE B 105 -11.19 19.72 -25.12
C ILE B 105 -12.68 19.75 -24.73
N LEU B 106 -13.55 19.20 -25.57
CA LEU B 106 -15.00 19.17 -25.29
C LEU B 106 -15.45 17.72 -25.07
N ARG B 107 -16.10 17.45 -23.92
CA ARG B 107 -16.64 16.09 -23.66
C ARG B 107 -18.14 16.09 -23.98
N GLN B 108 -18.53 15.42 -25.08
CA GLN B 108 -19.95 15.41 -25.49
C GLN B 108 -20.55 14.03 -25.24
N PHE B 109 -21.59 13.95 -24.40
CA PHE B 109 -22.22 12.65 -24.07
C PHE B 109 -23.43 12.43 -24.97
N ASN B 110 -23.25 11.68 -26.05
CA ASN B 110 -24.36 11.46 -27.04
C ASN B 110 -25.61 10.96 -26.32
N ASP B 111 -25.48 9.96 -25.45
CA ASP B 111 -26.65 9.36 -24.76
C ASP B 111 -27.38 10.43 -23.95
N LEU B 112 -26.65 11.32 -23.27
CA LEU B 112 -27.29 12.42 -22.50
C LEU B 112 -28.17 13.25 -23.45
N THR B 113 -29.38 13.59 -23.02
CA THR B 113 -30.33 14.37 -23.87
C THR B 113 -29.85 15.82 -23.95
N SER B 114 -30.44 16.60 -24.86
CA SER B 114 -30.08 18.04 -24.99
C SER B 114 -30.36 18.76 -23.67
N ALA B 115 -31.60 18.65 -23.16
CA ALA B 115 -31.95 19.31 -21.91
C ALA B 115 -31.02 18.90 -20.78
N SER B 116 -30.31 17.79 -20.93
CA SER B 116 -29.41 17.29 -19.90
C SER B 116 -28.00 17.88 -19.99
N LEU B 117 -27.79 18.81 -20.93
CA LEU B 117 -26.47 19.50 -21.08
C LEU B 117 -25.36 18.46 -21.23
N PRO B 118 -25.23 17.80 -22.41
CA PRO B 118 -24.22 16.75 -22.61
C PRO B 118 -22.86 17.32 -23.01
N ASN B 119 -22.74 18.64 -23.17
CA ASN B 119 -21.46 19.25 -23.63
C ASN B 119 -20.67 19.76 -22.42
N PHE B 120 -19.42 19.28 -22.26
CA PHE B 120 -18.55 19.74 -21.15
C PHE B 120 -17.25 20.28 -21.76
N VAL B 121 -17.03 21.61 -21.69
CA VAL B 121 -15.84 22.21 -22.35
C VAL B 121 -14.74 22.44 -21.32
N TYR B 122 -13.53 21.95 -21.61
CA TYR B 122 -12.36 22.18 -20.70
C TYR B 122 -11.34 23.02 -21.47
N VAL B 123 -10.96 24.20 -20.94
CA VAL B 123 -10.04 25.10 -21.69
C VAL B 123 -8.66 25.11 -21.04
N GLY B 124 -7.67 25.71 -21.72
CA GLY B 124 -6.31 25.80 -21.15
C GLY B 124 -5.65 24.45 -20.95
N CYS B 125 -6.19 23.41 -21.59
CA CYS B 125 -5.65 22.04 -21.42
C CYS B 125 -4.30 21.93 -22.14
N GLU B 126 -3.24 21.57 -21.40
CA GLU B 126 -1.89 21.44 -22.00
C GLU B 126 -1.33 20.05 -21.68
N TYR B 127 -0.95 19.28 -22.71
CA TYR B 127 -0.38 17.92 -22.51
C TYR B 127 0.87 18.02 -21.62
N ASN B 128 0.97 17.14 -20.61
CA ASN B 128 2.11 17.21 -19.66
C ASN B 128 2.85 15.88 -19.64
N THR B 129 2.13 14.76 -19.46
CA THR B 129 2.82 13.45 -19.33
C THR B 129 2.38 12.46 -20.39
N MET B 130 3.26 11.53 -20.77
CA MET B 130 2.90 10.49 -21.78
C MET B 130 3.48 9.14 -21.34
N THR B 131 2.67 8.09 -21.39
CA THR B 131 3.14 6.73 -21.02
C THR B 131 3.05 5.81 -22.25
N LEU B 132 4.19 5.29 -22.71
CA LEU B 132 4.19 4.37 -23.88
C LEU B 132 4.58 2.97 -23.40
N SER B 133 3.71 1.99 -23.63
CA SER B 133 4.00 0.58 -23.22
C SER B 133 3.92 -0.34 -24.44
N ILE B 134 4.97 -1.13 -24.68
CA ILE B 134 5.00 -2.06 -25.85
C ILE B 134 5.10 -3.49 -25.33
N THR B 135 4.06 -4.31 -25.55
CA THR B 135 4.08 -5.69 -25.11
C THR B 135 3.79 -6.61 -26.30
N THR B 136 4.43 -7.77 -26.30
CA THR B 136 4.25 -8.71 -27.41
C THR B 136 2.82 -9.22 -27.46
N GLU B 137 2.27 -9.25 -28.68
CA GLU B 137 0.88 -9.61 -28.92
C GLU B 137 -0.06 -8.79 -28.04
N ALA B 138 0.24 -7.49 -27.91
CA ALA B 138 -0.62 -6.58 -27.13
C ALA B 138 -0.59 -5.20 -27.80
N ILE B 139 -1.75 -4.63 -28.13
CA ILE B 139 -1.79 -3.34 -28.87
C ILE B 139 -0.97 -2.29 -28.10
N VAL B 140 -0.15 -1.51 -28.82
CA VAL B 140 0.64 -0.43 -28.16
C VAL B 140 -0.32 0.72 -27.81
N MET B 141 -0.34 1.14 -26.55
CA MET B 141 -1.26 2.24 -26.11
C MET B 141 -0.42 3.42 -25.61
N ALA B 142 -0.93 4.64 -25.80
CA ALA B 142 -0.21 5.85 -25.31
C ALA B 142 -1.13 6.62 -24.35
N THR B 143 -0.82 6.58 -23.04
CA THR B 143 -1.62 7.31 -22.03
C THR B 143 -1.19 8.77 -22.02
N PHE B 144 -2.14 9.70 -21.84
CA PHE B 144 -1.81 11.15 -21.91
C PHE B 144 -2.37 11.88 -20.69
N GLY B 145 -1.52 12.65 -19.98
CA GLY B 145 -1.98 13.46 -18.85
C GLY B 145 -1.97 14.93 -19.21
N ILE B 146 -3.06 15.65 -18.92
CA ILE B 146 -3.15 17.08 -19.38
C ILE B 146 -3.31 17.99 -18.16
N VAL B 147 -2.92 19.27 -18.31
CA VAL B 147 -3.10 20.26 -17.21
C VAL B 147 -3.98 21.39 -17.74
N GLY B 148 -5.25 21.45 -17.30
CA GLY B 148 -6.19 22.47 -17.80
C GLY B 148 -6.35 23.61 -16.81
N MET B 149 -6.60 24.82 -17.31
CA MET B 149 -6.73 26.01 -16.42
C MET B 149 -8.06 25.92 -15.64
N ASN B 150 -9.17 25.72 -16.34
CA ASN B 150 -10.51 25.65 -15.69
C ASN B 150 -11.53 25.02 -16.64
N GLN B 151 -12.74 24.75 -16.14
CA GLN B 151 -13.80 24.11 -16.96
C GLN B 151 -15.01 25.04 -17.05
N LEU B 152 -15.73 25.00 -18.18
CA LEU B 152 -16.94 25.87 -18.36
C LEU B 152 -18.17 25.12 -17.85
N GLU B 153 -19.25 25.84 -17.54
CA GLU B 153 -20.46 25.20 -17.05
C GLU B 153 -21.10 24.38 -18.16
N PRO B 154 -21.79 23.29 -17.84
CA PRO B 154 -22.46 22.51 -18.88
C PRO B 154 -23.53 23.33 -19.57
N SER B 155 -23.63 23.16 -20.89
CA SER B 155 -24.59 23.91 -21.70
C SER B 155 -25.10 23.02 -22.82
N SER B 156 -26.35 23.25 -23.24
CA SER B 156 -26.92 22.46 -24.32
C SER B 156 -26.29 22.80 -25.66
N THR B 157 -26.04 24.08 -25.92
CA THR B 157 -25.51 24.51 -27.19
C THR B 157 -23.99 24.37 -27.21
N VAL B 158 -23.45 23.72 -28.25
CA VAL B 158 -21.97 23.54 -28.37
C VAL B 158 -21.31 24.90 -28.59
N PRO B 159 -19.99 25.05 -28.35
CA PRO B 159 -19.30 26.33 -28.60
C PRO B 159 -19.64 26.88 -29.99
N THR B 160 -19.85 28.18 -30.10
CA THR B 160 -20.23 28.79 -31.41
C THR B 160 -19.27 28.31 -32.50
N GLY B 161 -19.81 27.77 -33.60
CA GLY B 161 -18.97 27.28 -34.70
C GLY B 161 -18.06 26.14 -34.28
N ALA B 162 -18.59 25.20 -33.49
CA ALA B 162 -17.80 24.02 -33.04
C ALA B 162 -17.76 22.97 -34.15
N THR B 163 -17.05 23.26 -35.25
CA THR B 163 -16.92 22.27 -36.34
C THR B 163 -16.26 21.00 -35.77
N PHE B 164 -16.88 19.84 -35.99
CA PHE B 164 -16.35 18.59 -35.39
C PHE B 164 -15.56 17.80 -36.44
N VAL B 165 -14.25 18.04 -36.52
CA VAL B 165 -13.37 17.28 -37.46
C VAL B 165 -13.28 15.84 -36.97
N GLU B 166 -13.17 14.88 -37.90
CA GLU B 166 -13.08 13.44 -37.52
C GLU B 166 -11.61 13.00 -37.52
N ALA B 167 -11.32 11.84 -36.94
CA ALA B 167 -9.92 11.35 -36.86
C ALA B 167 -9.76 10.12 -37.77
N PRO B 168 -8.72 10.07 -38.65
CA PRO B 168 -8.48 8.91 -39.50
C PRO B 168 -8.40 7.64 -38.65
N THR B 169 -9.23 6.63 -38.96
CA THR B 169 -9.25 5.38 -38.16
C THR B 169 -8.25 4.37 -38.75
N THR B 170 -6.95 4.68 -38.66
CA THR B 170 -5.91 3.74 -39.16
C THR B 170 -5.79 2.55 -38.20
N GLU B 171 -5.51 1.35 -38.73
CA GLU B 171 -5.39 0.13 -37.88
C GLU B 171 -4.45 0.41 -36.71
N PRO B 172 -4.81 0.04 -35.46
CA PRO B 172 -3.91 0.24 -34.31
C PRO B 172 -2.58 -0.48 -34.51
N MET B 173 -1.54 0.13 -33.97
CA MET B 173 -0.17 -0.37 -34.13
C MET B 173 0.03 -1.65 -33.34
N ASP B 174 0.72 -2.61 -33.93
CA ASP B 174 1.04 -3.86 -33.26
C ASP B 174 2.53 -3.91 -32.88
N SER B 175 2.87 -4.90 -32.06
CA SER B 175 4.22 -5.03 -31.52
C SER B 175 5.11 -5.89 -32.41
N PHE B 176 4.59 -6.35 -33.54
CA PHE B 176 5.35 -7.27 -34.42
C PHE B 176 6.32 -6.46 -35.29
N THR B 177 7.18 -7.15 -36.05
CA THR B 177 8.16 -6.46 -36.92
C THR B 177 8.77 -5.29 -36.15
N GLY B 178 9.24 -5.54 -34.92
CA GLY B 178 9.79 -4.47 -34.08
C GLY B 178 11.27 -4.27 -34.35
N HIS B 179 11.65 -3.11 -34.91
CA HIS B 179 13.08 -2.81 -35.15
C HIS B 179 13.70 -2.35 -33.83
N VAL B 180 13.90 -3.28 -32.89
CA VAL B 180 14.45 -2.92 -31.55
C VAL B 180 15.98 -2.97 -31.62
N LYS B 181 16.62 -1.80 -31.69
CA LYS B 181 18.10 -1.73 -31.76
C LYS B 181 18.65 -1.26 -30.41
N GLU B 182 19.84 -1.72 -30.04
CA GLU B 182 20.44 -1.33 -28.76
C GLU B 182 21.90 -0.88 -28.88
N GLY B 183 22.70 -1.51 -29.75
CA GLY B 183 24.07 -1.10 -29.94
C GLY B 183 24.23 -0.19 -31.15
N LEU B 184 25.46 -0.06 -31.63
CA LEU B 184 25.70 0.68 -32.86
C LEU B 184 25.03 0.00 -34.03
N ALA B 185 25.11 -1.33 -34.10
CA ALA B 185 24.38 -2.11 -35.09
C ALA B 185 23.75 -3.35 -34.49
N ASP B 186 23.81 -3.52 -33.17
CA ASP B 186 23.30 -4.71 -32.50
C ASP B 186 21.78 -4.64 -32.39
N ILE B 187 21.12 -5.76 -32.67
CA ILE B 187 19.68 -5.85 -32.46
C ILE B 187 19.41 -6.60 -31.17
N ALA B 188 18.67 -5.97 -30.26
CA ALA B 188 18.40 -6.53 -28.94
C ALA B 188 17.32 -7.59 -29.02
N VAL B 189 17.24 -8.42 -27.98
CA VAL B 189 16.20 -9.45 -27.87
C VAL B 189 15.17 -9.06 -26.81
N ALA B 190 14.99 -7.76 -26.57
CA ALA B 190 14.08 -7.29 -25.54
C ALA B 190 12.65 -7.73 -25.84
N THR B 191 11.91 -8.01 -24.76
CA THR B 191 10.56 -8.55 -24.92
C THR B 191 9.51 -7.46 -24.75
N GLU B 192 9.56 -6.70 -23.65
CA GLU B 192 8.75 -5.50 -23.51
C GLU B 192 9.64 -4.26 -23.46
N LEU B 193 9.03 -3.12 -23.79
CA LEU B 193 9.70 -1.83 -23.78
C LEU B 193 8.73 -0.78 -23.27
N GLU B 194 9.20 0.10 -22.39
CA GLU B 194 8.38 1.12 -21.77
C GLU B 194 9.07 2.48 -21.89
N LEU B 195 8.30 3.51 -22.23
CA LEU B 195 8.81 4.86 -22.39
C LEU B 195 7.89 5.83 -21.66
N GLN B 196 8.49 6.76 -20.90
CA GLN B 196 7.69 7.78 -20.17
C GLN B 196 8.22 9.18 -20.50
N ILE B 197 7.32 10.13 -20.79
CA ILE B 197 7.73 11.52 -21.13
C ILE B 197 7.14 12.49 -20.08
N GLU B 198 7.96 13.40 -19.56
CA GLU B 198 7.49 14.36 -18.52
C GLU B 198 7.84 15.79 -18.96
N ASN B 199 6.86 16.70 -18.93
CA ASN B 199 7.12 18.12 -19.29
C ASN B 199 7.16 18.97 -18.02
N GLY B 200 6.74 18.38 -16.88
CA GLY B 200 6.78 19.10 -15.59
C GLY B 200 6.01 20.41 -15.65
N ILE B 201 4.76 20.37 -16.12
CA ILE B 201 3.92 21.59 -16.20
C ILE B 201 3.11 21.74 -14.91
N ALA B 202 3.43 22.75 -14.09
CA ALA B 202 2.68 23.00 -12.84
C ALA B 202 1.89 24.30 -12.99
N PRO B 203 0.83 24.57 -12.20
CA PRO B 203 0.01 25.76 -12.36
C PRO B 203 0.45 26.92 -11.47
N ARG B 204 -0.01 28.13 -11.81
CA ARG B 204 0.37 29.32 -11.03
C ARG B 204 -0.90 30.13 -10.72
N TYR B 205 -1.21 30.33 -9.43
CA TYR B 205 -2.43 31.09 -9.03
C TYR B 205 -2.02 32.44 -8.45
N VAL B 206 -2.84 33.47 -8.66
CA VAL B 206 -2.53 34.84 -8.12
C VAL B 206 -3.73 35.33 -7.31
N ILE B 207 -3.58 36.48 -6.63
CA ILE B 207 -4.68 37.02 -5.85
C ILE B 207 -5.86 37.35 -6.74
N GLY B 208 -7.07 37.03 -6.29
CA GLY B 208 -8.28 37.37 -7.00
C GLY B 208 -8.60 36.50 -8.19
N SER B 209 -7.88 35.37 -8.31
CA SER B 209 -8.12 34.42 -9.43
C SER B 209 -8.59 33.07 -8.87
N LYS B 210 -9.40 32.33 -9.62
CA LYS B 210 -9.89 31.00 -9.18
C LYS B 210 -9.33 29.92 -10.11
N LYS B 211 -8.29 30.25 -10.87
CA LYS B 211 -7.72 29.29 -11.86
C LYS B 211 -6.25 29.62 -12.13
N SER B 212 -5.55 28.74 -12.86
CA SER B 212 -4.10 28.96 -13.13
C SER B 212 -3.92 29.91 -14.31
N ILE B 213 -3.81 31.22 -14.03
CA ILE B 213 -3.59 32.22 -15.12
C ILE B 213 -2.58 31.64 -16.12
N LYS B 214 -1.52 30.99 -15.62
CA LYS B 214 -0.51 30.38 -16.51
C LYS B 214 0.00 29.08 -15.87
N GLN B 215 0.59 28.19 -16.68
CA GLN B 215 1.13 26.92 -16.15
C GLN B 215 2.65 26.92 -16.37
N SER B 216 3.42 26.80 -15.29
CA SER B 216 4.92 26.82 -15.40
C SER B 216 5.41 25.47 -15.91
N ILE B 217 5.88 25.43 -17.17
CA ILE B 217 6.43 24.16 -17.73
C ILE B 217 7.82 23.92 -17.12
N GLY B 218 8.24 22.66 -17.02
CA GLY B 218 9.57 22.33 -16.47
C GLY B 218 10.49 21.78 -17.54
N ARG B 219 11.59 21.14 -17.13
CA ARG B 219 12.55 20.54 -18.10
C ARG B 219 11.90 19.34 -18.79
N PHE B 220 12.18 19.14 -20.08
CA PHE B 220 11.67 17.94 -20.79
C PHE B 220 12.41 16.72 -20.26
N LYS B 221 11.67 15.73 -19.74
CA LYS B 221 12.33 14.54 -19.13
C LYS B 221 11.93 13.27 -19.90
N VAL B 222 12.92 12.46 -20.30
CA VAL B 222 12.62 11.18 -21.00
C VAL B 222 13.27 10.03 -20.20
N SER B 223 12.48 9.04 -19.81
CA SER B 223 13.02 7.86 -19.08
C SER B 223 12.23 6.61 -19.48
N GLY B 224 12.59 5.43 -18.97
CA GLY B 224 11.88 4.24 -19.40
C GLY B 224 12.38 3.01 -18.70
N THR B 225 11.80 1.87 -19.09
CA THR B 225 12.16 0.57 -18.55
C THR B 225 12.25 -0.42 -19.69
N LEU B 226 13.30 -1.23 -19.68
CA LEU B 226 13.53 -2.24 -20.70
C LEU B 226 13.66 -3.61 -20.05
N THR B 227 12.80 -4.54 -20.48
CA THR B 227 12.79 -5.90 -19.94
C THR B 227 13.16 -6.85 -21.08
N ALA B 228 14.02 -7.82 -20.78
CA ALA B 228 14.47 -8.80 -21.76
C ALA B 228 14.64 -10.16 -21.11
N TYR B 229 15.28 -11.09 -21.84
CA TYR B 229 15.56 -12.42 -21.25
C TYR B 229 17.04 -12.51 -20.86
N PHE B 230 17.35 -13.25 -19.80
CA PHE B 230 18.76 -13.35 -19.31
C PHE B 230 19.57 -14.21 -20.29
N GLU B 231 18.91 -14.87 -21.25
CA GLU B 231 19.62 -15.68 -22.26
C GLU B 231 20.75 -14.83 -22.86
N ASP B 232 20.43 -13.59 -23.27
CA ASP B 232 21.46 -12.68 -23.81
C ASP B 232 22.29 -12.15 -22.63
N ALA B 233 23.62 -12.26 -22.71
CA ALA B 233 24.46 -11.83 -21.60
C ALA B 233 25.17 -10.51 -21.89
N THR B 234 24.95 -9.93 -23.07
CA THR B 234 25.59 -8.66 -23.41
C THR B 234 24.95 -7.51 -22.64
N LEU B 235 23.64 -7.57 -22.45
CA LEU B 235 22.94 -6.53 -21.66
C LEU B 235 23.56 -6.50 -20.26
N VAL B 236 23.89 -7.67 -19.72
CA VAL B 236 24.55 -7.75 -18.37
C VAL B 236 25.94 -7.12 -18.49
N GLY B 237 26.30 -6.26 -17.53
CA GLY B 237 27.61 -5.59 -17.57
C GLY B 237 27.47 -4.12 -17.94
N LYS B 238 26.64 -3.83 -18.94
CA LYS B 238 26.39 -2.42 -19.34
C LYS B 238 25.91 -1.64 -18.13
N PHE B 239 25.26 -2.32 -17.17
CA PHE B 239 24.83 -1.65 -15.92
C PHE B 239 26.02 -1.69 -14.93
N LEU B 240 26.62 -2.86 -14.76
CA LEU B 240 27.77 -3.02 -13.82
C LEU B 240 28.83 -1.96 -14.16
N ARG B 241 29.31 -1.93 -15.40
CA ARG B 241 30.36 -0.96 -15.80
C ARG B 241 29.71 0.21 -16.54
N GLU B 242 30.03 1.44 -16.16
CA GLU B 242 29.40 2.64 -16.79
C GLU B 242 29.49 2.51 -18.31
N GLU B 243 28.33 2.43 -18.99
CA GLU B 243 28.30 2.33 -20.45
C GLU B 243 27.10 3.11 -20.94
N ALA B 244 27.29 3.90 -21.99
CA ALA B 244 26.21 4.70 -22.57
C ALA B 244 25.80 4.08 -23.90
N SER B 245 24.70 3.34 -23.88
CA SER B 245 24.16 2.70 -25.07
C SER B 245 23.11 3.62 -25.71
N SER B 246 22.38 3.09 -26.68
CA SER B 246 21.31 3.82 -27.35
C SER B 246 20.11 2.88 -27.51
N LEU B 247 18.93 3.47 -27.68
CA LEU B 247 17.70 2.70 -27.87
C LEU B 247 16.99 3.20 -29.12
N GLU B 248 16.40 2.28 -29.87
CA GLU B 248 15.76 2.58 -31.14
C GLU B 248 14.76 1.47 -31.46
N PHE B 249 13.47 1.80 -31.44
CA PHE B 249 12.42 0.83 -31.69
C PHE B 249 11.37 1.43 -32.61
N VAL B 250 10.70 0.55 -33.35
CA VAL B 250 9.68 0.95 -34.33
C VAL B 250 8.42 0.13 -34.08
N VAL B 251 7.28 0.81 -34.04
CA VAL B 251 5.98 0.10 -33.89
C VAL B 251 5.47 -0.21 -35.31
N THR B 252 4.84 -1.38 -35.50
CA THR B 252 4.40 -1.78 -36.86
C THR B 252 2.88 -1.64 -36.97
N ASP B 253 2.38 -1.18 -38.12
CA ASP B 253 0.92 -1.09 -38.33
C ASP B 253 0.42 -2.45 -38.83
N GLY B 254 -0.88 -2.59 -39.07
CA GLY B 254 -1.41 -3.85 -39.62
C GLY B 254 -1.14 -3.96 -41.12
N LEU B 255 0.13 -4.08 -41.50
CA LEU B 255 0.51 -4.18 -42.94
C LEU B 255 -0.11 -3.02 -43.72
N ALA B 256 -0.07 -1.81 -43.15
CA ALA B 256 -0.64 -0.62 -43.83
C ALA B 256 0.47 0.11 -44.60
N GLY B 257 1.73 -0.24 -44.34
CA GLY B 257 2.87 0.40 -45.03
C GLY B 257 3.32 1.67 -44.32
N ASN B 258 2.52 2.14 -43.36
CA ASN B 258 2.87 3.38 -42.59
C ASN B 258 3.37 2.95 -41.20
N SER B 259 4.34 3.68 -40.64
CA SER B 259 4.91 3.29 -39.33
C SER B 259 5.62 4.49 -38.68
N TYR B 260 5.95 4.38 -37.40
CA TYR B 260 6.69 5.47 -36.70
C TYR B 260 8.11 5.00 -36.39
N LYS B 261 8.87 5.79 -35.63
CA LYS B 261 10.23 5.44 -35.24
C LYS B 261 10.65 6.32 -34.07
N PHE B 262 10.88 5.71 -32.91
CA PHE B 262 11.34 6.40 -31.72
C PHE B 262 12.80 6.07 -31.51
N GLU B 263 13.62 7.09 -31.22
CA GLU B 263 15.05 6.91 -31.07
C GLU B 263 15.53 7.70 -29.87
N LEU B 264 16.34 7.06 -29.02
CA LEU B 264 16.97 7.70 -27.87
C LEU B 264 18.49 7.58 -28.04
N PRO B 265 19.19 8.54 -28.69
CA PRO B 265 20.62 8.38 -28.98
C PRO B 265 21.51 8.17 -27.74
N LYS B 266 21.13 8.76 -26.60
CA LYS B 266 22.00 8.66 -25.40
C LYS B 266 21.19 8.18 -24.19
N ILE B 267 21.46 6.96 -23.72
CA ILE B 267 20.75 6.41 -22.52
C ILE B 267 21.78 5.67 -21.66
N LYS B 268 21.49 5.50 -20.37
CA LYS B 268 22.39 4.71 -19.48
C LYS B 268 21.53 3.82 -18.58
N TYR B 269 21.96 2.56 -18.36
CA TYR B 269 21.14 1.60 -17.56
C TYR B 269 21.26 1.93 -16.07
N THR B 270 20.11 2.07 -15.39
CA THR B 270 20.10 2.34 -13.95
C THR B 270 20.06 1.06 -13.13
N GLY B 271 19.42 0.01 -13.62
CA GLY B 271 19.37 -1.25 -12.88
C GLY B 271 19.69 -2.42 -13.78
N GLY B 272 19.28 -3.62 -13.36
CA GLY B 272 19.55 -4.84 -14.13
C GLY B 272 19.96 -5.99 -13.23
N GLN B 273 19.04 -6.91 -12.91
CA GLN B 273 19.34 -8.00 -11.96
C GLN B 273 18.74 -9.32 -12.43
N PRO B 274 19.56 -10.37 -12.67
CA PRO B 274 19.03 -11.69 -13.01
C PRO B 274 18.71 -12.50 -11.75
N ASP B 275 17.47 -12.99 -11.63
CA ASP B 275 17.06 -13.73 -10.40
C ASP B 275 16.61 -15.14 -10.78
N VAL B 276 17.03 -16.14 -10.01
CA VAL B 276 16.64 -17.56 -10.27
C VAL B 276 15.11 -17.64 -10.28
N GLY B 277 14.46 -17.00 -9.31
CA GLY B 277 12.99 -17.02 -9.22
C GLY B 277 12.46 -18.45 -9.27
N GLY B 278 13.05 -19.34 -8.45
CA GLY B 278 12.63 -20.76 -8.45
C GLY B 278 12.80 -21.39 -9.83
N GLU B 279 11.71 -21.93 -10.38
CA GLU B 279 11.76 -22.57 -11.73
C GLU B 279 11.31 -21.55 -12.77
N GLY B 280 11.47 -21.87 -14.07
CA GLY B 280 11.02 -20.98 -15.15
C GLY B 280 12.16 -20.15 -15.70
N PRO B 281 12.02 -19.57 -16.92
CA PRO B 281 13.11 -18.80 -17.53
C PRO B 281 13.48 -17.57 -16.72
N ILE B 282 14.75 -17.15 -16.78
CA ILE B 282 15.23 -15.97 -16.01
C ILE B 282 15.06 -14.72 -16.88
N THR B 283 14.31 -13.73 -16.40
CA THR B 283 14.08 -12.48 -17.18
C THR B 283 15.16 -11.46 -16.83
N LEU B 284 14.98 -10.20 -17.23
CA LEU B 284 16.01 -9.18 -16.99
C LEU B 284 15.43 -7.78 -17.21
N SER B 285 15.11 -7.12 -16.10
CA SER B 285 14.58 -5.76 -16.17
C SER B 285 15.72 -4.76 -16.05
N MET B 286 15.81 -3.86 -17.02
CA MET B 286 16.95 -2.94 -17.14
C MET B 286 16.44 -1.52 -17.32
N PRO B 287 16.04 -0.85 -16.23
CA PRO B 287 15.59 0.54 -16.34
C PRO B 287 16.71 1.46 -16.81
N PHE B 288 16.35 2.49 -17.58
CA PHE B 288 17.39 3.38 -18.16
C PHE B 288 16.96 4.85 -18.04
N VAL B 289 17.91 5.77 -18.16
CA VAL B 289 17.59 7.23 -18.11
C VAL B 289 18.15 7.89 -19.37
N ALA B 290 17.26 8.42 -20.22
CA ALA B 290 17.71 9.10 -21.47
C ALA B 290 18.33 10.46 -21.11
N GLU B 291 19.30 10.91 -21.92
CA GLU B 291 19.98 12.20 -21.65
C GLU B 291 20.14 12.97 -22.97
N TYR B 292 20.36 14.28 -22.88
CA TYR B 292 20.47 15.14 -24.10
C TYR B 292 21.57 14.61 -25.03
N ASP B 293 21.28 14.54 -26.33
CA ASP B 293 22.31 14.11 -27.32
C ASP B 293 22.48 15.23 -28.34
N PRO B 294 23.70 15.76 -28.56
CA PRO B 294 23.89 16.90 -29.47
C PRO B 294 23.66 16.56 -30.95
N THR B 295 24.02 15.35 -31.37
CA THR B 295 23.89 15.01 -32.79
C THR B 295 22.49 15.35 -33.31
N ILE B 296 21.46 15.11 -32.49
CA ILE B 296 20.09 15.44 -32.86
C ILE B 296 19.59 16.70 -32.17
N LEU B 297 20.44 17.35 -31.36
CA LEU B 297 20.07 18.57 -30.63
C LEU B 297 18.85 18.32 -29.74
N GLY B 298 18.79 17.13 -29.13
CA GLY B 298 17.64 16.80 -28.27
C GLY B 298 17.83 15.48 -27.54
N THR B 299 16.78 15.01 -26.84
CA THR B 299 16.87 13.74 -26.08
C THR B 299 16.11 12.65 -26.83
N LEU B 300 15.03 13.03 -27.54
CA LEU B 300 14.20 12.03 -28.25
C LEU B 300 13.89 12.52 -29.68
N LYS B 301 13.73 11.60 -30.63
CA LYS B 301 13.43 11.97 -32.01
C LYS B 301 12.43 10.96 -32.57
N ILE B 302 11.19 11.40 -32.78
CA ILE B 302 10.16 10.57 -33.37
C ILE B 302 10.11 10.86 -34.86
N THR B 303 10.04 9.79 -35.68
CA THR B 303 10.08 9.91 -37.13
C THR B 303 8.97 9.06 -37.73
N ARG B 304 8.21 9.63 -38.66
CA ARG B 304 7.21 8.87 -39.40
C ARG B 304 7.79 8.39 -40.72
N ILE B 305 7.77 7.08 -40.94
CA ILE B 305 8.11 6.50 -42.24
C ILE B 305 6.85 6.11 -43.00
N GLY B 306 5.74 6.80 -42.73
CA GLY B 306 4.46 6.41 -43.30
C GLY B 306 4.44 6.51 -44.82
N ALA B 307 3.85 5.50 -45.44
CA ALA B 307 3.68 5.47 -46.89
C ALA B 307 2.45 6.27 -47.30
N SER C 2 18.63 -17.77 -19.81
CA SER C 2 18.82 -18.84 -18.79
C SER C 2 17.49 -19.18 -18.11
N ASP C 3 17.38 -20.38 -17.55
CA ASP C 3 16.13 -20.81 -16.85
C ASP C 3 16.47 -21.10 -15.38
N GLY C 4 15.47 -20.97 -14.50
CA GLY C 4 15.68 -21.26 -13.07
C GLY C 4 15.89 -22.74 -12.82
N SER C 5 15.66 -23.57 -13.84
CA SER C 5 15.77 -25.05 -13.66
C SER C 5 17.24 -25.45 -13.48
N ARG C 6 18.12 -24.97 -14.37
CA ARG C 6 19.55 -25.38 -14.31
C ARG C 6 20.40 -24.24 -13.73
N HIS C 7 20.50 -24.16 -12.39
CA HIS C 7 21.36 -23.14 -11.74
C HIS C 7 22.07 -23.77 -10.54
N SER C 8 23.36 -23.50 -10.37
CA SER C 8 24.11 -24.03 -9.19
C SER C 8 24.68 -22.85 -8.39
N MET C 9 24.58 -22.90 -7.07
CA MET C 9 25.06 -21.78 -6.21
C MET C 9 26.04 -22.32 -5.17
N HIS C 10 27.25 -21.75 -5.10
CA HIS C 10 28.29 -22.25 -4.15
C HIS C 10 28.84 -21.08 -3.34
N GLN C 11 29.60 -21.37 -2.27
CA GLN C 11 30.23 -20.28 -1.47
C GLN C 11 31.51 -20.80 -0.80
N VAL C 12 32.43 -19.89 -0.46
CA VAL C 12 33.70 -20.26 0.21
C VAL C 12 34.02 -19.23 1.30
N LEU C 13 34.48 -19.68 2.46
CA LEU C 13 34.85 -18.75 3.56
C LEU C 13 36.07 -17.92 3.12
N GLU C 14 36.00 -16.59 3.27
CA GLU C 14 37.09 -15.72 2.88
C GLU C 14 38.10 -15.57 4.01
N THR C 15 39.38 -15.59 3.65
CA THR C 15 40.42 -15.31 4.64
C THR C 15 40.76 -13.82 4.70
N VAL C 16 40.68 -13.13 3.56
CA VAL C 16 40.86 -11.69 3.49
C VAL C 16 39.57 -11.10 2.92
N TYR C 17 39.04 -10.09 3.60
CA TYR C 17 37.77 -9.50 3.18
C TYR C 17 37.85 -8.95 1.77
N GLY C 18 36.79 -9.20 1.00
CA GLY C 18 36.68 -8.67 -0.35
C GLY C 18 37.48 -9.40 -1.41
N GLU C 19 38.03 -10.57 -1.09
CA GLU C 19 38.85 -11.33 -2.04
C GLU C 19 38.49 -12.80 -1.97
N VAL C 20 38.50 -13.46 -3.13
CA VAL C 20 38.32 -14.91 -3.19
C VAL C 20 39.60 -15.59 -2.73
N PRO C 21 39.53 -16.66 -1.94
CA PRO C 21 40.75 -17.36 -1.52
C PRO C 21 41.51 -17.92 -2.72
N ALA C 22 42.76 -18.33 -2.47
CA ALA C 22 43.61 -18.88 -3.56
C ALA C 22 42.85 -20.00 -4.28
N THR C 23 42.53 -21.08 -3.56
CA THR C 23 41.74 -22.19 -4.15
C THR C 23 40.40 -22.26 -3.40
N PRO C 24 39.36 -21.52 -3.84
CA PRO C 24 38.09 -21.49 -3.11
C PRO C 24 37.41 -22.87 -3.00
N ALA C 25 37.16 -23.32 -1.76
CA ALA C 25 36.44 -24.60 -1.56
C ALA C 25 34.94 -24.34 -1.71
N PHE C 26 34.53 -23.76 -2.84
CA PHE C 26 33.11 -23.41 -3.06
C PHE C 26 32.23 -24.58 -2.60
N LYS C 27 31.28 -24.31 -1.69
CA LYS C 27 30.42 -25.39 -1.16
C LYS C 27 28.99 -25.19 -1.65
N ARG C 28 28.36 -26.25 -2.17
CA ARG C 28 26.97 -26.15 -2.68
C ARG C 28 26.08 -25.46 -1.65
N ILE C 29 25.29 -24.47 -2.07
CA ILE C 29 24.34 -23.81 -1.14
C ILE C 29 22.94 -24.37 -1.42
N ARG C 30 22.42 -25.20 -0.50
CA ARG C 30 21.05 -25.76 -0.67
C ARG C 30 20.05 -24.61 -0.48
N HIS C 31 19.33 -24.25 -1.55
CA HIS C 31 18.37 -23.11 -1.47
C HIS C 31 17.30 -23.26 -2.54
N ASN C 32 16.16 -22.58 -2.37
CA ASN C 32 15.06 -22.63 -3.36
C ASN C 32 15.28 -21.53 -4.41
N SER C 33 15.56 -20.30 -3.97
CA SER C 33 15.76 -19.17 -4.90
C SER C 33 16.71 -18.14 -4.29
N THR C 34 17.44 -17.39 -5.13
CA THR C 34 18.37 -16.35 -4.63
C THR C 34 18.25 -15.08 -5.48
N THR C 35 18.57 -13.91 -4.91
CA THR C 35 18.49 -12.63 -5.65
C THR C 35 19.87 -11.96 -5.65
N LEU C 36 20.95 -12.76 -5.53
CA LEU C 36 22.32 -12.19 -5.44
C LEU C 36 22.57 -11.25 -6.62
N ALA C 37 22.84 -9.96 -6.35
CA ALA C 37 23.13 -8.98 -7.42
C ALA C 37 23.65 -7.68 -6.79
N THR C 38 24.22 -6.78 -7.60
CA THR C 38 24.76 -5.50 -7.07
C THR C 38 23.79 -4.36 -7.39
N ALA C 39 23.88 -3.25 -6.64
CA ALA C 39 23.01 -2.07 -6.90
C ALA C 39 23.89 -0.82 -6.91
N ILE C 40 23.76 0.03 -7.93
CA ILE C 40 24.68 1.21 -8.05
C ILE C 40 23.85 2.48 -7.86
N ASN C 41 24.36 3.43 -7.06
CA ASN C 41 23.64 4.70 -6.80
C ASN C 41 23.75 5.63 -8.02
N THR C 42 22.89 6.65 -8.10
CA THR C 42 22.95 7.58 -9.23
C THR C 42 23.14 8.99 -8.71
N LEU C 43 24.06 9.73 -9.32
CA LEU C 43 24.31 11.13 -8.98
C LEU C 43 23.76 11.99 -10.12
N THR C 44 22.57 12.54 -9.91
CA THR C 44 21.94 13.38 -10.93
C THR C 44 22.67 14.71 -11.04
N SER C 45 22.62 15.31 -12.22
CA SER C 45 23.21 16.62 -12.42
C SER C 45 22.12 17.67 -12.54
N GLU C 46 22.25 18.75 -11.78
CA GLU C 46 21.22 19.77 -11.67
C GLU C 46 21.53 21.00 -12.53
N GLU C 47 22.30 20.82 -13.60
CA GLU C 47 22.71 21.97 -14.45
C GLU C 47 21.51 22.45 -15.26
N LEU C 48 21.15 23.73 -15.13
CA LEU C 48 20.00 24.31 -15.88
C LEU C 48 20.35 24.32 -17.37
N ARG C 49 19.40 23.89 -18.22
CA ARG C 49 19.63 23.87 -19.69
C ARG C 49 18.58 24.75 -20.37
N PRO C 50 18.97 25.65 -21.31
CA PRO C 50 18.03 26.55 -21.97
C PRO C 50 16.97 25.79 -22.78
N ASP C 51 17.37 24.68 -23.42
CA ASP C 51 16.41 23.87 -24.22
C ASP C 51 15.73 22.87 -23.29
N ARG C 52 15.96 22.98 -21.98
CA ARG C 52 15.30 22.07 -21.00
C ARG C 52 15.52 20.62 -21.41
N ASN C 53 16.76 20.25 -21.71
CA ASN C 53 17.08 18.84 -22.08
C ASN C 53 17.62 18.11 -20.85
N SER C 54 17.50 16.77 -20.84
CA SER C 54 18.00 15.96 -19.70
C SER C 54 19.53 16.07 -19.62
N MET C 55 20.06 16.62 -18.53
CA MET C 55 21.53 16.76 -18.36
C MET C 55 22.15 15.35 -18.29
N GLY C 56 21.49 14.41 -17.62
CA GLY C 56 22.04 13.06 -17.45
C GLY C 56 22.49 12.83 -16.02
N ILE C 57 22.63 11.56 -15.61
CA ILE C 57 23.01 11.24 -14.20
C ILE C 57 24.39 10.58 -14.20
N ARG C 58 25.02 10.48 -13.02
CA ARG C 58 26.31 9.83 -12.91
C ARG C 58 26.19 8.63 -11.97
N HIS C 59 26.89 7.55 -12.31
CA HIS C 59 26.89 6.36 -11.46
C HIS C 59 27.62 6.65 -10.16
N GLY C 60 27.19 6.00 -9.09
CA GLY C 60 27.80 6.19 -7.79
C GLY C 60 28.36 4.92 -7.19
N THR C 61 28.28 4.78 -5.86
CA THR C 61 28.85 3.60 -5.18
C THR C 61 27.99 2.36 -5.47
N ARG C 62 28.57 1.16 -5.27
CA ARG C 62 27.81 -0.09 -5.54
C ARG C 62 27.86 -1.01 -4.31
N GLN C 63 26.85 -1.86 -4.15
CA GLN C 63 26.82 -2.83 -3.01
C GLN C 63 26.05 -4.07 -3.46
N VAL C 64 26.34 -5.24 -2.87
CA VAL C 64 25.70 -6.50 -3.34
C VAL C 64 24.69 -6.98 -2.30
N GLY C 65 23.46 -7.29 -2.74
CA GLY C 65 22.43 -7.83 -1.82
C GLY C 65 21.78 -9.07 -2.40
N GLY C 66 21.72 -10.15 -1.62
CA GLY C 66 21.15 -11.42 -2.11
C GLY C 66 20.19 -12.05 -1.12
N GLU C 67 19.00 -12.44 -1.57
CA GLU C 67 18.00 -13.10 -0.68
C GLU C 67 18.06 -14.60 -0.89
N ILE C 68 18.69 -15.34 0.03
CA ILE C 68 18.84 -16.82 -0.12
C ILE C 68 17.67 -17.50 0.58
N VAL C 69 16.65 -17.92 -0.18
CA VAL C 69 15.49 -18.65 0.42
C VAL C 69 15.86 -20.14 0.46
N SER C 70 15.95 -20.72 1.66
CA SER C 70 16.37 -22.14 1.78
C SER C 70 15.43 -22.89 2.73
N GLU C 71 15.30 -24.21 2.55
CA GLU C 71 14.47 -25.04 3.46
C GLU C 71 15.36 -25.55 4.60
N LEU C 72 14.97 -25.29 5.85
CA LEU C 72 15.79 -25.72 7.01
C LEU C 72 15.97 -27.24 6.97
N SER C 73 17.19 -27.72 7.15
CA SER C 73 17.48 -29.18 7.14
C SER C 73 18.76 -29.45 7.94
N PHE C 74 18.96 -30.69 8.38
CA PHE C 74 20.15 -31.01 9.22
C PHE C 74 21.40 -31.08 8.35
N GLU C 75 22.59 -31.02 8.97
CA GLU C 75 23.87 -31.14 8.22
C GLU C 75 23.85 -30.15 7.05
N SER C 76 23.30 -28.95 7.26
CA SER C 76 23.25 -27.92 6.19
C SER C 76 23.03 -26.55 6.84
N LEU C 77 23.28 -25.48 6.08
CA LEU C 77 23.10 -24.10 6.61
C LEU C 77 23.80 -23.98 7.96
N ASP C 78 24.65 -24.96 8.31
CA ASP C 78 25.36 -24.92 9.58
C ASP C 78 26.35 -23.78 9.61
N ASP C 79 27.16 -23.64 8.55
CA ASP C 79 28.07 -22.51 8.46
C ASP C 79 27.31 -21.20 8.35
N THR C 80 26.17 -21.22 7.66
CA THR C 80 25.31 -20.02 7.60
C THR C 80 24.83 -19.62 8.99
N LEU C 81 24.37 -20.59 9.78
CA LEU C 81 23.91 -20.29 11.13
C LEU C 81 25.05 -19.79 11.99
N GLU C 82 26.24 -20.39 11.85
CA GLU C 82 27.39 -19.96 12.63
C GLU C 82 27.80 -18.53 12.30
N ALA C 83 27.84 -18.23 10.99
CA ALA C 83 28.26 -16.88 10.55
C ALA C 83 27.22 -15.84 10.98
N LEU C 84 25.93 -16.14 10.77
CA LEU C 84 24.84 -15.19 11.13
C LEU C 84 24.86 -14.95 12.64
N MET C 85 25.00 -16.02 13.44
CA MET C 85 24.98 -15.88 14.92
C MET C 85 26.29 -15.22 15.38
N CYS C 86 27.27 -15.15 14.48
CA CYS C 86 28.59 -14.54 14.81
C CYS C 86 29.25 -15.31 15.95
N GLY C 87 28.78 -16.54 16.22
CA GLY C 87 29.38 -17.38 17.28
C GLY C 87 30.16 -18.53 16.66
N THR C 88 30.52 -19.54 17.46
CA THR C 88 31.26 -20.71 16.94
C THR C 88 30.56 -22.00 17.41
N TRP C 89 30.36 -22.95 16.48
CA TRP C 89 29.73 -24.25 16.85
C TRP C 89 30.57 -24.94 17.94
N ASN C 90 30.03 -25.06 19.15
CA ASN C 90 30.74 -25.67 20.26
C ASN C 90 29.80 -26.66 20.94
N ALA C 91 30.20 -27.93 20.97
CA ALA C 91 29.42 -29.00 21.59
C ALA C 91 28.02 -29.08 21.00
N ASP C 92 27.95 -28.87 19.68
CA ASP C 92 26.68 -28.83 18.94
C ASP C 92 25.73 -27.80 19.54
N ALA C 93 26.29 -26.69 20.04
CA ALA C 93 25.52 -25.60 20.62
C ALA C 93 26.10 -24.29 20.16
N LEU C 94 25.25 -23.37 19.73
CA LEU C 94 25.68 -22.09 19.18
C LEU C 94 25.01 -20.96 19.95
N VAL C 95 25.80 -19.98 20.40
CA VAL C 95 25.23 -18.80 21.12
C VAL C 95 25.63 -17.53 20.35
N ASN C 96 24.72 -16.56 20.27
CA ASN C 96 25.00 -15.29 19.55
C ASN C 96 26.34 -14.72 20.01
N GLY C 97 27.34 -14.71 19.12
CA GLY C 97 28.67 -14.18 19.47
C GLY C 97 28.96 -12.87 18.76
N VAL C 98 30.25 -12.59 18.48
CA VAL C 98 30.64 -11.33 17.79
C VAL C 98 31.50 -11.68 16.58
N THR C 99 32.24 -12.79 16.64
CA THR C 99 33.17 -13.18 15.53
C THR C 99 32.43 -13.08 14.18
N ARG C 100 32.90 -12.21 13.28
CA ARG C 100 32.23 -12.02 11.97
C ARG C 100 32.90 -12.90 10.91
N ARG C 101 32.12 -13.37 9.94
CA ARG C 101 32.68 -14.23 8.85
C ARG C 101 32.23 -13.68 7.49
N SER C 102 33.17 -13.54 6.55
CA SER C 102 32.82 -13.07 5.18
C SER C 102 32.97 -14.23 4.19
N PHE C 103 32.08 -14.32 3.20
CA PHE C 103 32.13 -15.46 2.24
C PHE C 103 32.11 -14.97 0.79
N SER C 104 32.53 -15.83 -0.14
CA SER C 104 32.48 -15.47 -1.59
C SER C 104 31.43 -16.38 -2.27
N ILE C 105 30.30 -15.81 -2.68
CA ILE C 105 29.21 -16.65 -3.28
C ILE C 105 29.39 -16.71 -4.80
N LEU C 106 29.23 -17.90 -5.39
CA LEU C 106 29.35 -18.06 -6.86
C LEU C 106 28.03 -18.60 -7.42
N ARG C 107 27.42 -17.88 -8.37
CA ARG C 107 26.17 -18.37 -9.02
C ARG C 107 26.53 -18.91 -10.41
N GLN C 108 26.28 -20.19 -10.66
CA GLN C 108 26.68 -20.81 -11.95
C GLN C 108 25.43 -21.25 -12.72
N PHE C 109 25.15 -20.61 -13.86
CA PHE C 109 23.97 -20.94 -14.69
C PHE C 109 24.34 -22.08 -15.63
N ASN C 110 24.06 -23.33 -15.23
CA ASN C 110 24.47 -24.51 -16.03
C ASN C 110 23.93 -24.39 -17.45
N ASP C 111 22.68 -23.93 -17.60
CA ASP C 111 22.05 -23.82 -18.94
C ASP C 111 22.83 -22.82 -19.81
N LEU C 112 23.27 -21.70 -19.24
CA LEU C 112 24.08 -20.70 -20.00
C LEU C 112 25.33 -21.40 -20.56
N THR C 113 25.66 -21.14 -21.82
CA THR C 113 26.83 -21.79 -22.47
C THR C 113 28.12 -21.17 -21.91
N SER C 114 29.26 -21.80 -22.19
CA SER C 114 30.57 -21.26 -21.72
C SER C 114 30.76 -19.85 -22.29
N ALA C 115 30.64 -19.70 -23.62
CA ALA C 115 30.83 -18.39 -24.24
C ALA C 115 29.88 -17.35 -23.66
N SER C 116 28.81 -17.80 -22.99
CA SER C 116 27.83 -16.89 -22.41
C SER C 116 28.18 -16.44 -21.00
N LEU C 117 29.32 -16.87 -20.47
CA LEU C 117 29.81 -16.43 -19.16
C LEU C 117 28.81 -16.73 -18.04
N PRO C 118 28.61 -18.00 -17.69
CA PRO C 118 27.59 -18.32 -16.68
C PRO C 118 28.03 -18.04 -15.25
N ASN C 119 29.34 -18.03 -14.98
CA ASN C 119 29.82 -17.89 -13.61
C ASN C 119 29.67 -16.46 -13.12
N PHE C 120 29.00 -16.29 -11.99
CA PHE C 120 28.82 -15.00 -11.33
C PHE C 120 29.39 -15.08 -9.93
N VAL C 121 30.39 -14.24 -9.65
CA VAL C 121 31.07 -14.29 -8.32
C VAL C 121 30.68 -13.06 -7.50
N TYR C 122 30.38 -13.25 -6.22
CA TYR C 122 30.02 -12.11 -5.33
C TYR C 122 30.96 -12.14 -4.13
N VAL C 123 31.79 -11.11 -3.95
CA VAL C 123 32.81 -11.13 -2.85
C VAL C 123 32.35 -10.24 -1.70
N GLY C 124 32.84 -10.51 -0.48
CA GLY C 124 32.51 -9.67 0.69
C GLY C 124 31.11 -9.92 1.20
N CYS C 125 30.48 -11.03 0.79
CA CYS C 125 29.10 -11.35 1.23
C CYS C 125 29.09 -11.69 2.71
N GLU C 126 28.24 -11.01 3.49
CA GLU C 126 28.15 -11.28 4.96
C GLU C 126 26.69 -11.47 5.35
N TYR C 127 26.34 -12.64 5.91
CA TYR C 127 24.95 -12.91 6.35
C TYR C 127 24.51 -11.85 7.34
N ASN C 128 23.33 -11.26 7.12
CA ASN C 128 22.85 -10.15 8.00
C ASN C 128 21.50 -10.52 8.61
N THR C 129 20.51 -10.88 7.79
CA THR C 129 19.15 -11.14 8.34
C THR C 129 18.72 -12.59 8.12
N MET C 130 17.88 -13.11 9.02
CA MET C 130 17.36 -14.46 8.89
C MET C 130 15.89 -14.47 9.32
N THR C 131 15.06 -15.13 8.52
CA THR C 131 13.62 -15.19 8.75
C THR C 131 13.19 -16.66 8.73
N LEU C 132 12.79 -17.17 9.90
CA LEU C 132 12.38 -18.55 10.06
C LEU C 132 10.88 -18.59 10.28
N SER C 133 10.19 -19.41 9.50
CA SER C 133 8.74 -19.56 9.59
C SER C 133 8.40 -21.03 9.75
N ILE C 134 7.59 -21.35 10.77
CA ILE C 134 7.18 -22.72 11.05
C ILE C 134 5.66 -22.77 11.00
N THR C 135 5.13 -23.62 10.12
CA THR C 135 3.69 -23.79 9.94
C THR C 135 3.36 -25.27 9.92
N THR C 136 2.20 -25.63 10.47
CA THR C 136 1.79 -27.01 10.53
C THR C 136 1.57 -27.57 9.13
N GLU C 137 2.09 -28.78 8.90
CA GLU C 137 2.07 -29.44 7.60
C GLU C 137 2.62 -28.53 6.52
N ALA C 138 3.70 -27.81 6.84
CA ALA C 138 4.41 -26.98 5.89
C ALA C 138 5.89 -27.03 6.22
N ILE C 139 6.71 -27.15 5.19
CA ILE C 139 8.15 -27.32 5.37
C ILE C 139 8.74 -26.04 5.95
N VAL C 140 9.64 -26.19 6.92
CA VAL C 140 10.28 -25.05 7.55
C VAL C 140 11.16 -24.34 6.53
N MET C 141 10.92 -23.03 6.35
CA MET C 141 11.74 -22.24 5.39
C MET C 141 12.59 -21.22 6.15
N ALA C 142 13.83 -21.00 5.71
CA ALA C 142 14.71 -20.00 6.37
C ALA C 142 15.29 -19.06 5.30
N THR C 143 14.84 -17.80 5.29
CA THR C 143 15.36 -16.80 4.32
C THR C 143 16.68 -16.23 4.84
N PHE C 144 17.63 -15.94 3.94
CA PHE C 144 18.95 -15.43 4.37
C PHE C 144 19.27 -14.12 3.63
N GLY C 145 19.45 -13.02 4.38
CA GLY C 145 19.82 -11.73 3.76
C GLY C 145 21.31 -11.47 3.94
N ILE C 146 22.01 -11.10 2.86
CA ILE C 146 23.49 -10.92 2.95
C ILE C 146 23.86 -9.49 2.52
N VAL C 147 25.06 -9.04 2.89
CA VAL C 147 25.55 -7.69 2.49
C VAL C 147 26.91 -7.87 1.80
N GLY C 148 26.95 -7.80 0.46
CA GLY C 148 28.21 -8.02 -0.26
C GLY C 148 28.91 -6.72 -0.60
N MET C 149 30.21 -6.77 -0.88
CA MET C 149 30.99 -5.55 -1.21
C MET C 149 30.74 -5.16 -2.67
N ASN C 150 31.09 -6.04 -3.61
CA ASN C 150 30.88 -5.74 -5.06
C ASN C 150 30.72 -7.06 -5.83
N GLN C 151 30.22 -6.99 -7.07
CA GLN C 151 30.02 -8.21 -7.89
C GLN C 151 31.12 -8.30 -8.95
N LEU C 152 31.79 -9.45 -9.04
CA LEU C 152 32.86 -9.64 -10.05
C LEU C 152 32.22 -9.78 -11.44
N GLU C 153 32.90 -9.32 -12.49
CA GLU C 153 32.32 -9.35 -13.86
C GLU C 153 32.08 -10.81 -14.28
N PRO C 154 31.06 -11.10 -15.12
CA PRO C 154 30.85 -12.47 -15.61
C PRO C 154 32.05 -12.96 -16.43
N SER C 155 32.50 -14.19 -16.19
CA SER C 155 33.64 -14.76 -16.94
C SER C 155 33.32 -16.21 -17.31
N SER C 156 34.07 -16.79 -18.27
CA SER C 156 33.84 -18.19 -18.59
C SER C 156 34.56 -19.11 -17.62
N THR C 157 35.79 -18.77 -17.25
CA THR C 157 36.58 -19.63 -16.38
C THR C 157 36.22 -19.37 -14.91
N VAL C 158 35.97 -20.44 -14.17
CA VAL C 158 35.62 -20.31 -12.73
C VAL C 158 36.85 -19.83 -11.95
N PRO C 159 36.72 -19.26 -10.74
CA PRO C 159 37.87 -18.84 -9.95
C PRO C 159 38.92 -19.95 -9.87
N THR C 160 40.20 -19.58 -9.97
CA THR C 160 41.29 -20.60 -9.97
C THR C 160 41.11 -21.55 -8.79
N GLY C 161 41.11 -22.86 -9.03
CA GLY C 161 40.94 -23.86 -7.96
C GLY C 161 39.58 -23.75 -7.28
N ALA C 162 38.52 -23.51 -8.06
CA ALA C 162 37.15 -23.40 -7.50
C ALA C 162 36.61 -24.82 -7.23
N THR C 163 37.20 -25.53 -6.27
CA THR C 163 36.70 -26.88 -5.91
C THR C 163 35.24 -26.74 -5.49
N PHE C 164 34.35 -27.54 -6.07
CA PHE C 164 32.90 -27.40 -5.78
C PHE C 164 32.45 -28.47 -4.78
N VAL C 165 32.50 -28.15 -3.48
CA VAL C 165 32.03 -29.10 -2.44
C VAL C 165 30.49 -29.16 -2.51
N GLU C 166 29.90 -30.30 -2.12
CA GLU C 166 28.42 -30.42 -2.13
C GLU C 166 27.92 -30.52 -0.68
N ALA C 167 27.04 -29.61 -0.26
CA ALA C 167 26.48 -29.65 1.11
C ALA C 167 25.69 -30.95 1.29
N PRO C 168 25.85 -31.67 2.42
CA PRO C 168 25.10 -32.89 2.68
C PRO C 168 23.59 -32.63 2.56
N THR C 169 22.90 -33.42 1.73
CA THR C 169 21.44 -33.21 1.52
C THR C 169 20.65 -34.14 2.45
N THR C 170 20.02 -33.56 3.48
CA THR C 170 19.20 -34.37 4.42
C THR C 170 17.72 -34.04 4.20
N GLU C 171 16.82 -34.99 4.50
CA GLU C 171 15.36 -34.75 4.35
C GLU C 171 14.99 -33.43 5.01
N PRO C 172 14.23 -32.53 4.33
CA PRO C 172 13.83 -31.25 4.91
C PRO C 172 13.04 -31.43 6.21
N MET C 173 13.24 -30.48 7.11
CA MET C 173 12.64 -30.55 8.43
C MET C 173 11.14 -30.32 8.36
N ASP C 174 10.37 -31.09 9.13
CA ASP C 174 8.93 -30.94 9.19
C ASP C 174 8.51 -30.31 10.53
N SER C 175 7.26 -29.89 10.59
CA SER C 175 6.72 -29.20 11.75
C SER C 175 6.13 -30.14 12.80
N PHE C 176 6.22 -31.45 12.58
CA PHE C 176 5.56 -32.43 13.44
C PHE C 176 6.44 -32.72 14.65
N THR C 177 6.32 -31.87 15.66
CA THR C 177 7.00 -32.07 16.94
C THR C 177 5.96 -31.99 18.05
N GLY C 178 6.23 -32.69 19.16
CA GLY C 178 5.36 -32.63 20.31
C GLY C 178 5.99 -31.83 21.44
N HIS C 179 6.95 -30.96 21.08
CA HIS C 179 7.73 -30.21 22.06
C HIS C 179 7.77 -28.74 21.64
N VAL C 180 6.88 -27.94 22.23
CA VAL C 180 6.91 -26.49 22.14
C VAL C 180 6.72 -25.94 23.54
N LYS C 181 7.81 -25.56 24.18
CA LYS C 181 7.80 -25.14 25.58
C LYS C 181 7.59 -23.63 25.67
N GLU C 182 6.77 -23.23 26.64
CA GLU C 182 6.55 -21.81 26.92
C GLU C 182 6.77 -21.43 28.38
N GLY C 183 6.42 -22.28 29.33
CA GLY C 183 6.65 -22.00 30.73
C GLY C 183 7.91 -22.67 31.24
N LEU C 184 8.01 -22.77 32.57
CA LEU C 184 9.13 -23.52 33.15
C LEU C 184 9.07 -24.99 32.76
N ALA C 185 7.85 -25.56 32.78
CA ALA C 185 7.63 -26.92 32.29
C ALA C 185 6.37 -27.03 31.45
N ASP C 186 5.71 -25.90 31.17
CA ASP C 186 4.44 -25.91 30.44
C ASP C 186 4.70 -26.10 28.94
N ILE C 187 3.89 -26.94 28.31
CA ILE C 187 3.95 -27.09 26.86
C ILE C 187 2.82 -26.31 26.23
N ALA C 188 3.16 -25.40 25.32
CA ALA C 188 2.19 -24.51 24.70
C ALA C 188 1.42 -25.25 23.60
N VAL C 189 0.28 -24.67 23.22
CA VAL C 189 -0.53 -25.21 22.14
C VAL C 189 -0.44 -24.33 20.90
N ALA C 190 0.68 -23.63 20.73
CA ALA C 190 0.87 -22.71 19.62
C ALA C 190 0.79 -23.45 18.28
N THR C 191 0.24 -22.78 17.28
CA THR C 191 0.02 -23.40 15.99
C THR C 191 1.12 -23.04 14.99
N GLU C 192 1.38 -21.75 14.81
CA GLU C 192 2.55 -21.30 14.05
C GLU C 192 3.51 -20.57 14.96
N LEU C 193 4.77 -20.53 14.53
CA LEU C 193 5.85 -19.84 15.26
C LEU C 193 6.76 -19.17 14.25
N GLU C 194 7.16 -17.93 14.53
CA GLU C 194 7.98 -17.15 13.63
C GLU C 194 9.15 -16.55 14.40
N LEU C 195 10.34 -16.61 13.80
CA LEU C 195 11.56 -16.08 14.42
C LEU C 195 12.30 -15.23 13.39
N GLN C 196 12.77 -14.05 13.83
CA GLN C 196 13.54 -13.16 12.93
C GLN C 196 14.86 -12.78 13.61
N ILE C 197 15.98 -12.82 12.86
CA ILE C 197 17.31 -12.48 13.42
C ILE C 197 17.90 -11.32 12.63
N GLU C 198 18.44 -10.30 13.32
CA GLU C 198 19.05 -9.13 12.65
C GLU C 198 20.45 -8.88 13.22
N ASN C 199 21.43 -8.57 12.37
CA ASN C 199 22.81 -8.31 12.83
C ASN C 199 23.11 -6.81 12.71
N GLY C 200 22.36 -6.09 11.88
CA GLY C 200 22.56 -4.63 11.71
C GLY C 200 23.85 -4.32 10.97
N ILE C 201 24.07 -4.99 9.83
CA ILE C 201 25.33 -4.78 9.04
C ILE C 201 25.07 -3.70 7.97
N ALA C 202 25.69 -2.53 8.11
CA ALA C 202 25.52 -1.45 7.13
C ALA C 202 26.87 -1.17 6.47
N PRO C 203 26.88 -0.70 5.22
CA PRO C 203 28.16 -0.53 4.53
C PRO C 203 28.80 0.82 4.81
N ARG C 204 30.10 0.90 4.52
CA ARG C 204 30.91 2.08 4.79
C ARG C 204 31.64 2.50 3.52
N TYR C 205 31.48 3.76 3.15
CA TYR C 205 32.06 4.30 1.93
C TYR C 205 33.09 5.38 2.27
N VAL C 206 34.09 5.51 1.39
CA VAL C 206 35.15 6.49 1.55
C VAL C 206 35.43 7.14 0.21
N ILE C 207 36.32 8.14 0.22
CA ILE C 207 36.67 8.84 -1.01
C ILE C 207 37.51 7.92 -1.90
N GLY C 208 37.21 7.95 -3.20
CA GLY C 208 37.99 7.20 -4.17
C GLY C 208 37.69 5.71 -4.22
N SER C 209 36.62 5.27 -3.58
CA SER C 209 36.24 3.86 -3.54
C SER C 209 34.82 3.70 -4.07
N LYS C 210 34.68 2.98 -5.18
CA LYS C 210 33.36 2.67 -5.72
C LYS C 210 32.61 1.65 -4.86
N LYS C 211 33.34 0.83 -4.08
CA LYS C 211 32.74 -0.23 -3.29
C LYS C 211 32.91 0.10 -1.80
N SER C 212 32.23 -0.67 -0.96
CA SER C 212 32.29 -0.50 0.49
C SER C 212 33.52 -1.22 1.01
N ILE C 213 34.42 -0.49 1.67
CA ILE C 213 35.65 -1.08 2.18
C ILE C 213 35.36 -2.01 3.34
N LYS C 214 34.41 -1.63 4.20
CA LYS C 214 34.02 -2.44 5.35
C LYS C 214 32.54 -2.26 5.61
N GLN C 215 32.03 -3.02 6.58
CA GLN C 215 30.65 -2.87 7.04
C GLN C 215 30.63 -2.80 8.56
N SER C 216 30.17 -1.66 9.09
CA SER C 216 30.04 -1.53 10.57
C SER C 216 28.83 -2.34 11.04
N ILE C 217 29.07 -3.48 11.69
CA ILE C 217 27.95 -4.36 12.16
C ILE C 217 27.30 -3.71 13.39
N GLY C 218 26.00 -3.95 13.58
CA GLY C 218 25.29 -3.39 14.74
C GLY C 218 25.12 -4.43 15.84
N ARG C 219 24.17 -4.20 16.75
CA ARG C 219 23.94 -5.16 17.87
C ARG C 219 23.17 -6.38 17.35
N PHE C 220 23.21 -7.48 18.09
CA PHE C 220 22.45 -8.69 17.68
C PHE C 220 20.99 -8.52 18.10
N LYS C 221 20.06 -8.66 17.16
CA LYS C 221 18.61 -8.43 17.46
C LYS C 221 17.82 -9.71 17.22
N VAL C 222 17.06 -10.16 18.22
CA VAL C 222 16.22 -11.39 18.06
C VAL C 222 14.78 -11.06 18.47
N SER C 223 13.81 -11.32 17.58
CA SER C 223 12.38 -11.07 17.89
C SER C 223 11.53 -12.12 17.16
N GLY C 224 10.20 -12.02 17.21
CA GLY C 224 9.39 -13.04 16.58
C GLY C 224 7.92 -12.80 16.81
N THR C 225 7.12 -13.74 16.29
CA THR C 225 5.67 -13.71 16.42
C THR C 225 5.19 -15.11 16.75
N LEU C 226 4.27 -15.21 17.72
CA LEU C 226 3.71 -16.48 18.14
C LEU C 226 2.20 -16.43 18.01
N THR C 227 1.64 -17.36 17.24
CA THR C 227 0.19 -17.45 17.03
C THR C 227 -0.30 -18.76 17.61
N ALA C 228 -1.43 -18.70 18.32
CA ALA C 228 -2.01 -19.88 18.95
C ALA C 228 -3.52 -19.82 18.87
N TYR C 229 -4.18 -20.72 19.59
CA TYR C 229 -5.64 -20.73 19.66
C TYR C 229 -6.08 -20.18 21.01
N PHE C 230 -7.33 -19.69 21.06
CA PHE C 230 -7.82 -19.04 22.27
C PHE C 230 -8.28 -20.06 23.29
N GLU C 231 -8.26 -21.35 22.90
CA GLU C 231 -8.62 -22.44 23.81
C GLU C 231 -7.79 -22.38 25.08
N ASP C 232 -6.50 -22.04 24.98
CA ASP C 232 -5.64 -21.87 26.14
C ASP C 232 -5.67 -20.42 26.63
N ALA C 233 -6.21 -20.19 27.82
CA ALA C 233 -6.36 -18.86 28.37
C ALA C 233 -5.17 -18.43 29.21
N THR C 234 -4.16 -19.29 29.32
CA THR C 234 -2.97 -18.94 30.11
C THR C 234 -2.11 -17.93 29.36
N LEU C 235 -2.03 -18.07 28.03
CA LEU C 235 -1.27 -17.08 27.22
C LEU C 235 -1.88 -15.70 27.45
N VAL C 236 -3.20 -15.62 27.58
CA VAL C 236 -3.88 -14.33 27.85
C VAL C 236 -3.49 -13.87 29.27
N GLY C 237 -3.12 -12.59 29.42
CA GLY C 237 -2.70 -12.08 30.74
C GLY C 237 -1.20 -11.85 30.78
N LYS C 238 -0.42 -12.76 30.19
CA LYS C 238 1.05 -12.61 30.14
C LYS C 238 1.38 -11.28 29.44
N PHE C 239 0.54 -10.85 28.49
CA PHE C 239 0.74 -9.53 27.84
C PHE C 239 0.12 -8.45 28.73
N LEU C 240 -1.08 -8.72 29.27
CA LEU C 240 -1.79 -7.70 30.08
C LEU C 240 -0.94 -7.32 31.30
N ARG C 241 -0.43 -8.31 32.03
CA ARG C 241 0.44 -8.04 33.20
C ARG C 241 1.89 -8.37 32.83
N GLU C 242 2.83 -7.45 33.11
CA GLU C 242 4.25 -7.66 32.74
C GLU C 242 4.69 -9.06 33.20
N GLU C 243 5.04 -9.93 32.25
CA GLU C 243 5.51 -11.28 32.59
C GLU C 243 6.59 -11.65 31.60
N ALA C 244 7.69 -12.22 32.10
CA ALA C 244 8.81 -12.64 31.25
C ALA C 244 8.80 -14.16 31.16
N SER C 245 8.30 -14.67 30.04
CA SER C 245 8.25 -16.11 29.78
C SER C 245 9.48 -16.52 28.99
N SER C 246 9.48 -17.76 28.50
CA SER C 246 10.56 -18.28 27.67
C SER C 246 9.97 -19.05 26.51
N LEU C 247 10.74 -19.21 25.45
CA LEU C 247 10.30 -19.95 24.27
C LEU C 247 11.35 -21.02 23.93
N GLU C 248 10.88 -22.19 23.50
CA GLU C 248 11.74 -23.32 23.22
C GLU C 248 11.01 -24.27 22.28
N PHE C 249 11.50 -24.39 21.05
CA PHE C 249 10.86 -25.23 20.04
C PHE C 249 11.93 -26.03 19.29
N VAL C 250 11.52 -27.18 18.78
CA VAL C 250 12.39 -28.11 18.08
C VAL C 250 11.75 -28.49 16.75
N VAL C 251 12.54 -28.45 15.68
CA VAL C 251 12.03 -28.90 14.35
C VAL C 251 12.34 -30.39 14.22
N THR C 252 11.45 -31.17 13.58
CA THR C 252 11.65 -32.64 13.50
C THR C 252 12.04 -33.02 12.07
N ASP C 253 12.75 -34.14 11.91
CA ASP C 253 13.16 -34.62 10.56
C ASP C 253 12.65 -36.05 10.37
N GLY C 254 11.34 -36.22 10.15
CA GLY C 254 10.79 -37.57 9.88
C GLY C 254 11.33 -38.59 10.86
N LEU C 255 11.92 -39.68 10.34
CA LEU C 255 12.47 -40.75 11.21
C LEU C 255 14.00 -40.69 11.22
N ALA C 256 14.57 -39.62 10.64
CA ALA C 256 16.04 -39.46 10.61
C ALA C 256 16.59 -39.39 12.04
N GLY C 257 15.85 -38.75 12.95
CA GLY C 257 16.28 -38.64 14.36
C GLY C 257 16.97 -37.33 14.64
N ASN C 258 17.84 -36.88 13.72
CA ASN C 258 18.52 -35.61 13.90
C ASN C 258 17.54 -34.45 13.95
N SER C 259 17.90 -33.41 14.71
CA SER C 259 17.02 -32.27 14.90
C SER C 259 17.79 -31.03 15.36
N TYR C 260 17.15 -29.86 15.26
CA TYR C 260 17.67 -28.60 15.78
C TYR C 260 16.81 -28.11 16.93
N LYS C 261 17.43 -27.47 17.90
CA LYS C 261 16.75 -26.97 19.09
C LYS C 261 17.05 -25.48 19.25
N PHE C 262 16.02 -24.66 19.13
CA PHE C 262 16.12 -23.22 19.31
C PHE C 262 15.51 -22.86 20.66
N GLU C 263 16.22 -22.03 21.43
CA GLU C 263 15.76 -21.65 22.76
C GLU C 263 15.96 -20.15 22.97
N LEU C 264 14.93 -19.49 23.50
CA LEU C 264 14.98 -18.08 23.86
C LEU C 264 14.69 -17.96 25.35
N PRO C 265 15.72 -17.94 26.20
CA PRO C 265 15.48 -18.06 27.64
C PRO C 265 14.64 -16.95 28.25
N LYS C 266 14.67 -15.74 27.70
CA LYS C 266 13.91 -14.62 28.24
C LYS C 266 13.24 -13.86 27.10
N ILE C 267 11.90 -13.92 27.08
CA ILE C 267 11.09 -13.13 26.16
C ILE C 267 9.92 -12.55 26.94
N LYS C 268 9.30 -11.52 26.37
CA LYS C 268 8.05 -10.97 26.89
C LYS C 268 7.16 -10.66 25.69
N TYR C 269 5.85 -10.69 25.91
CA TYR C 269 4.91 -10.53 24.80
C TYR C 269 4.52 -9.08 24.63
N THR C 270 4.61 -8.61 23.37
CA THR C 270 4.31 -7.23 23.01
C THR C 270 2.84 -7.02 22.70
N GLY C 271 2.16 -8.02 22.15
CA GLY C 271 0.75 -7.89 21.84
C GLY C 271 -0.02 -9.09 22.30
N GLY C 272 -1.20 -9.26 21.71
CA GLY C 272 -2.10 -10.35 22.06
C GLY C 272 -3.54 -9.91 21.99
N GLN C 273 -4.33 -10.57 21.15
CA GLN C 273 -5.69 -10.11 20.87
C GLN C 273 -6.56 -11.28 20.44
N PRO C 274 -7.55 -11.66 21.25
CA PRO C 274 -8.53 -12.65 20.80
C PRO C 274 -9.63 -12.00 19.97
N ASP C 275 -9.60 -12.27 18.66
CA ASP C 275 -10.53 -11.65 17.72
C ASP C 275 -11.63 -12.64 17.35
N VAL C 276 -12.88 -12.22 17.56
CA VAL C 276 -14.03 -13.05 17.19
C VAL C 276 -14.06 -13.22 15.67
N GLY C 277 -13.99 -12.11 14.94
CA GLY C 277 -13.93 -12.15 13.48
C GLY C 277 -15.13 -12.80 12.82
N GLY C 278 -16.32 -12.62 13.40
CA GLY C 278 -17.53 -13.16 12.81
C GLY C 278 -17.85 -14.58 13.20
N GLU C 279 -17.10 -15.56 12.69
CA GLU C 279 -17.38 -16.97 12.96
C GLU C 279 -16.08 -17.78 13.03
N GLY C 280 -16.21 -19.10 13.05
CA GLY C 280 -15.07 -20.00 13.12
C GLY C 280 -14.37 -19.98 14.45
N PRO C 281 -13.14 -20.51 14.52
CA PRO C 281 -12.40 -20.47 15.79
C PRO C 281 -11.85 -19.07 16.06
N ILE C 282 -11.33 -18.88 17.27
CA ILE C 282 -10.73 -17.61 17.66
C ILE C 282 -9.23 -17.82 17.81
N THR C 283 -8.45 -17.14 16.98
CA THR C 283 -6.99 -17.28 17.05
C THR C 283 -6.40 -16.28 18.02
N LEU C 284 -5.09 -16.32 18.21
CA LEU C 284 -4.41 -15.47 19.19
C LEU C 284 -2.97 -15.22 18.76
N SER C 285 -2.72 -14.04 18.21
CA SER C 285 -1.39 -13.65 17.80
C SER C 285 -0.68 -12.89 18.92
N MET C 286 0.49 -13.38 19.31
CA MET C 286 1.19 -12.88 20.49
C MET C 286 2.64 -12.55 20.13
N PRO C 287 2.89 -11.41 19.50
CA PRO C 287 4.28 -11.04 19.17
C PRO C 287 5.12 -10.85 20.43
N PHE C 288 6.42 -11.13 20.30
CA PHE C 288 7.32 -11.10 21.44
C PHE C 288 8.67 -10.53 21.00
N VAL C 289 9.43 -10.05 21.99
CA VAL C 289 10.79 -9.55 21.79
C VAL C 289 11.69 -10.26 22.78
N ALA C 290 12.79 -10.82 22.28
CA ALA C 290 13.76 -11.48 23.16
C ALA C 290 14.77 -10.49 23.70
N GLU C 291 15.46 -10.89 24.77
CA GLU C 291 16.46 -9.99 25.42
C GLU C 291 17.64 -10.80 25.94
N TYR C 292 18.49 -10.20 26.78
CA TYR C 292 19.72 -10.89 27.26
C TYR C 292 19.42 -11.75 28.49
N ASP C 293 19.80 -13.03 28.47
CA ASP C 293 19.64 -13.91 29.65
C ASP C 293 21.04 -14.35 30.09
N PRO C 294 21.52 -13.98 31.31
CA PRO C 294 22.92 -14.27 31.68
C PRO C 294 23.22 -15.74 31.89
N THR C 295 22.20 -16.60 31.98
CA THR C 295 22.46 -18.02 32.19
C THR C 295 23.17 -18.65 31.00
N ILE C 296 22.80 -18.23 29.78
CA ILE C 296 23.45 -18.71 28.57
C ILE C 296 24.42 -17.70 27.99
N LEU C 297 24.57 -16.53 28.63
CA LEU C 297 25.46 -15.46 28.15
C LEU C 297 25.08 -15.03 26.73
N GLY C 298 23.79 -14.98 26.46
CA GLY C 298 23.33 -14.59 25.15
C GLY C 298 21.82 -14.55 25.08
N THR C 299 21.32 -14.28 23.87
CA THR C 299 19.89 -14.19 23.62
C THR C 299 19.29 -15.46 23.06
N LEU C 300 19.95 -16.11 22.10
CA LEU C 300 19.44 -17.31 21.46
C LEU C 300 20.50 -18.39 21.47
N LYS C 301 20.08 -19.63 21.64
CA LYS C 301 20.98 -20.77 21.73
C LYS C 301 20.44 -21.90 20.85
N ILE C 302 21.11 -22.17 19.74
CA ILE C 302 20.74 -23.24 18.83
C ILE C 302 21.57 -24.47 19.18
N THR C 303 20.92 -25.63 19.27
CA THR C 303 21.57 -26.87 19.69
C THR C 303 21.19 -27.99 18.72
N ARG C 304 22.19 -28.74 18.25
CA ARG C 304 21.92 -29.91 17.44
C ARG C 304 21.90 -31.17 18.31
N ILE C 305 20.80 -31.90 18.26
CA ILE C 305 20.71 -33.21 18.89
C ILE C 305 20.83 -34.32 17.85
N GLY C 306 21.52 -34.03 16.75
CA GLY C 306 21.59 -34.96 15.63
C GLY C 306 22.26 -36.28 16.01
N ALA C 307 21.67 -37.37 15.53
CA ALA C 307 22.22 -38.70 15.74
C ALA C 307 23.30 -39.00 14.70
#